data_1ETZ
#
_entry.id   1ETZ
#
_cell.length_a   55.9
_cell.length_b   66.3
_cell.length_c   75.2
_cell.angle_alpha   106.7
_cell.angle_beta   107.6
_cell.angle_gamma   97.3
#
_symmetry.space_group_name_H-M   'P 1'
#
loop_
_entity.id
_entity.type
_entity.pdbx_description
1 polymer 'FAB NC10.14 - LIGHT CHAIN'
2 polymer 'FAB NC10.14 - HEAVY CHAIN'
3 non-polymer "N-(P-CYANOPHENYL)-N'-DIPHENYLMETHYL-GUANIDINE-ACETIC ACID"
4 water water
#
loop_
_entity_poly.entity_id
_entity_poly.type
_entity_poly.pdbx_seq_one_letter_code
_entity_poly.pdbx_strand_id
1 'polypeptide(L)'
;FAVVTQESALTTSPGETVTLTCRSSTGAVTTSNYAIWVQEKPDHLFSGLIGGTNNRVPGVPARFSGSLIGDKAALTVTGA
QTEDEAIYFCALWYSNHWVFGGGTKLTVLGQPKSSPSVTLFTPSSEELETNKATLVCTITDFYPGVVTVDWKVDGTPVTQ
GMETTQPSKQSNNKYMASSYLTLTARAWERHSSYSCQVTHEGHTVEKSLSRAECS
;
L,A
2 'polypeptide(L)'
;QVTLKESGPGILQPSQTLSLTCSFSGFSLSTSGMGVGWIRQPSGEGLEWLADIWWNDKKYYNPSLKSRLTVSKDTSSNQV
FLKITSVDTSDTATYHCARRTFSYYYGSSFYYFDNWGQGTTLTVSSAKTTPPSVYPLAPGCGDTTGSSVTLGCLVKGYFP
ESVTVTWNSGSLSSSVHTFPALLQSGLYTMSSSVTVPSSTWPSQTVTCSVAHPASSTTVDKKLEPSGP
;
H,B
#
loop_
_chem_comp.id
_chem_comp.type
_chem_comp.name
_chem_comp.formula
GAS non-polymer 'N-(P-CYANOPHENYL)-N'-DIPHENYLMETHYL-GUANIDINE-ACETIC ACID' 'C23 H20 N4 O2'
#
# COMPACT_ATOMS: atom_id res chain seq x y z
N PHE A 1 18.13 -20.47 6.64
CA PHE A 1 17.45 -19.25 7.04
C PHE A 1 18.37 -18.03 6.93
N ALA A 2 19.55 -18.23 6.34
CA ALA A 2 20.52 -17.15 6.16
C ALA A 2 20.05 -16.21 5.07
N VAL A 3 20.67 -15.04 5.00
CA VAL A 3 20.32 -14.07 3.98
C VAL A 3 21.51 -13.92 3.02
N VAL A 4 21.27 -14.21 1.74
CA VAL A 4 22.30 -14.13 0.70
C VAL A 4 22.21 -12.79 -0.04
N THR A 5 23.30 -12.05 -0.05
CA THR A 5 23.30 -10.74 -0.66
C THR A 5 24.24 -10.62 -1.87
N GLN A 6 23.76 -9.87 -2.85
CA GLN A 6 24.50 -9.61 -4.08
C GLN A 6 24.26 -8.15 -4.41
N GLU A 7 25.14 -7.54 -5.21
CA GLU A 7 24.97 -6.15 -5.62
C GLU A 7 23.67 -6.08 -6.40
N SER A 8 23.10 -4.89 -6.53
CA SER A 8 21.84 -4.76 -7.26
C SER A 8 22.03 -4.52 -8.75
N ALA A 9 23.02 -3.70 -9.10
CA ALA A 9 23.33 -3.39 -10.49
C ALA A 9 24.78 -2.98 -10.67
N LEU A 10 25.36 -3.39 -11.80
CA LEU A 10 26.75 -3.08 -12.16
C LEU A 10 26.81 -2.75 -13.64
N THR A 11 27.56 -1.72 -14.00
CA THR A 11 27.67 -1.31 -15.40
C THR A 11 29.10 -1.52 -15.86
N THR A 12 29.23 -2.04 -17.08
CA THR A 12 30.52 -2.30 -17.69
C THR A 12 30.42 -2.08 -19.20
N SER A 13 31.58 -2.10 -19.85
CA SER A 13 31.65 -1.89 -21.29
C SER A 13 32.28 -3.12 -21.93
N PRO A 14 32.01 -3.34 -23.23
CA PRO A 14 32.57 -4.50 -23.93
C PRO A 14 34.10 -4.46 -23.82
N GLY A 15 34.70 -5.61 -23.51
CA GLY A 15 36.14 -5.70 -23.37
C GLY A 15 36.66 -5.55 -21.95
N GLU A 16 35.80 -5.08 -21.05
CA GLU A 16 36.14 -4.86 -19.65
C GLU A 16 35.97 -6.09 -18.78
N THR A 17 36.54 -6.02 -17.58
CA THR A 17 36.45 -7.10 -16.60
C THR A 17 35.59 -6.69 -15.40
N VAL A 18 34.52 -7.46 -15.17
CA VAL A 18 33.61 -7.16 -14.07
C VAL A 18 33.45 -8.35 -13.10
N THR A 19 33.47 -8.05 -11.79
CA THR A 19 33.30 -9.04 -10.71
C THR A 19 32.04 -8.80 -9.87
N LEU A 20 31.22 -9.84 -9.72
CA LEU A 20 30.00 -9.76 -8.94
C LEU A 20 30.21 -10.63 -7.71
N THR A 21 29.64 -10.24 -6.57
CA THR A 21 29.81 -11.02 -5.36
C THR A 21 28.53 -11.59 -4.77
N CYS A 22 28.71 -12.51 -3.85
CA CYS A 22 27.64 -13.23 -3.20
C CYS A 22 28.09 -13.41 -1.74
N ARG A 23 27.34 -12.85 -0.79
CA ARG A 23 27.71 -13.00 0.61
C ARG A 23 26.64 -13.60 1.52
N SER A 24 27.12 -14.35 2.50
CA SER A 24 26.26 -15.03 3.47
C SER A 24 26.16 -14.14 4.70
N SER A 25 24.95 -13.92 5.19
CA SER A 25 24.72 -13.10 6.39
C SER A 25 25.23 -13.74 7.67
N THR A 26 25.54 -15.04 7.63
CA THR A 26 26.02 -15.76 8.81
C THR A 26 27.53 -15.89 8.94
N GLY A 27 28.27 -15.24 8.06
CA GLY A 27 29.72 -15.29 8.11
C GLY A 27 30.40 -15.44 6.77
N ALA A 28 31.49 -16.18 6.75
CA ALA A 28 32.25 -16.39 5.52
C ALA A 28 31.66 -17.47 4.62
N VAL A 29 31.77 -17.24 3.32
CA VAL A 29 31.30 -18.19 2.34
C VAL A 29 32.53 -19.09 2.15
N THR A 30 32.34 -20.37 2.44
CA THR A 30 33.40 -21.36 2.30
C THR A 30 33.01 -22.32 1.17
N THR A 31 33.88 -23.28 0.86
CA THR A 31 33.61 -24.26 -0.20
C THR A 31 32.44 -25.16 0.20
N SER A 32 32.17 -25.22 1.50
CA SER A 32 31.08 -26.04 2.04
C SER A 32 29.70 -25.53 1.66
N ASN A 33 29.62 -24.29 1.17
CA ASN A 33 28.36 -23.69 0.75
C ASN A 33 28.09 -24.01 -0.72
N TYR A 34 29.10 -24.58 -1.40
CA TYR A 34 29.00 -24.97 -2.81
C TYR A 34 28.29 -23.96 -3.71
N ALA A 35 28.79 -22.73 -3.75
CA ALA A 35 28.18 -21.66 -4.54
C ALA A 35 27.88 -21.97 -5.99
N ILE A 36 26.64 -21.67 -6.38
CA ILE A 36 26.09 -21.86 -7.72
C ILE A 36 25.91 -20.48 -8.36
N TRP A 37 25.90 -20.42 -9.69
CA TRP A 37 25.70 -19.16 -10.42
C TRP A 37 24.86 -19.45 -11.66
N VAL A 38 23.80 -18.67 -11.85
CA VAL A 38 22.92 -18.84 -13.01
C VAL A 38 22.64 -17.48 -13.62
N GLN A 39 22.33 -17.46 -14.91
CA GLN A 39 22.07 -16.23 -15.62
C GLN A 39 20.64 -16.20 -16.10
N GLU A 40 19.99 -15.05 -15.99
CA GLU A 40 18.62 -14.92 -16.44
C GLU A 40 18.52 -13.94 -17.62
N LYS A 41 18.14 -14.46 -18.78
CA LYS A 41 17.94 -13.68 -19.99
C LYS A 41 16.44 -13.39 -20.05
N PRO A 42 16.05 -12.29 -20.74
CA PRO A 42 14.61 -11.98 -20.82
C PRO A 42 13.75 -13.11 -21.35
N ASP A 43 12.55 -13.20 -20.78
CA ASP A 43 11.54 -14.19 -21.12
C ASP A 43 11.76 -15.57 -20.51
N HIS A 44 12.13 -15.56 -19.22
CA HIS A 44 12.34 -16.79 -18.43
C HIS A 44 13.39 -17.78 -18.94
N LEU A 45 14.49 -17.24 -19.45
CA LEU A 45 15.59 -18.04 -19.96
C LEU A 45 16.71 -18.09 -18.94
N PHE A 46 16.88 -19.25 -18.31
CA PHE A 46 17.91 -19.47 -17.31
C PHE A 46 18.96 -20.42 -17.84
N SER A 47 20.21 -20.15 -17.50
CA SER A 47 21.35 -20.94 -17.90
C SER A 47 22.35 -21.03 -16.75
N GLY A 48 22.75 -22.25 -16.39
CA GLY A 48 23.71 -22.43 -15.32
C GLY A 48 25.11 -22.06 -15.74
N LEU A 49 25.86 -21.44 -14.83
CA LEU A 49 27.21 -20.99 -15.13
C LEU A 49 28.32 -21.65 -14.29
N ILE A 50 28.21 -21.54 -12.98
CA ILE A 50 29.22 -22.08 -12.09
C ILE A 50 28.67 -23.04 -11.06
N GLY A 51 29.40 -24.13 -10.84
CA GLY A 51 29.03 -25.12 -9.85
C GLY A 51 30.23 -25.28 -8.95
N GLY A 52 30.08 -25.99 -7.83
CA GLY A 52 31.18 -26.13 -6.87
C GLY A 52 31.24 -24.70 -6.43
N THR A 53 32.36 -24.04 -6.64
CA THR A 53 32.42 -22.61 -6.35
C THR A 53 33.25 -21.96 -7.47
N ASN A 54 33.97 -22.80 -8.21
CA ASN A 54 34.82 -22.36 -9.30
C ASN A 54 34.76 -23.22 -10.54
N ASN A 55 33.90 -24.24 -10.52
CA ASN A 55 33.73 -25.12 -11.67
C ASN A 55 32.63 -24.66 -12.62
N ARG A 56 32.95 -24.67 -13.92
CA ARG A 56 32.03 -24.23 -14.98
C ARG A 56 31.20 -25.36 -15.54
N VAL A 57 29.97 -25.09 -15.96
CA VAL A 57 29.18 -26.16 -16.55
C VAL A 57 29.65 -26.21 -18.01
N PRO A 58 29.83 -27.42 -18.55
CA PRO A 58 30.30 -27.59 -19.93
C PRO A 58 29.41 -26.92 -20.95
N GLY A 59 30.04 -26.17 -21.87
CA GLY A 59 29.32 -25.44 -22.89
C GLY A 59 29.29 -23.92 -22.70
N VAL A 60 29.50 -23.49 -21.46
CA VAL A 60 29.51 -22.09 -21.05
C VAL A 60 30.79 -21.40 -21.51
N PRO A 61 30.69 -20.17 -22.04
CA PRO A 61 31.85 -19.42 -22.50
C PRO A 61 32.97 -19.43 -21.46
N ALA A 62 34.20 -19.53 -21.94
CA ALA A 62 35.37 -19.57 -21.07
C ALA A 62 35.66 -18.29 -20.31
N ARG A 63 34.96 -17.21 -20.62
CA ARG A 63 35.18 -15.94 -19.94
C ARG A 63 34.57 -15.82 -18.55
N PHE A 64 33.73 -16.78 -18.18
CA PHE A 64 33.10 -16.77 -16.87
C PHE A 64 33.91 -17.63 -15.94
N SER A 65 34.47 -17.00 -14.91
CA SER A 65 35.25 -17.75 -13.95
C SER A 65 34.65 -17.47 -12.58
N GLY A 66 34.76 -18.44 -11.67
CA GLY A 66 34.21 -18.25 -10.35
C GLY A 66 35.23 -18.61 -9.28
N SER A 67 35.13 -17.97 -8.12
CA SER A 67 36.04 -18.23 -7.03
C SER A 67 35.55 -17.63 -5.73
N LEU A 68 36.43 -17.62 -4.73
CA LEU A 68 36.14 -17.06 -3.43
C LEU A 68 37.12 -15.93 -3.20
N ILE A 69 36.61 -14.73 -2.94
CA ILE A 69 37.47 -13.59 -2.66
C ILE A 69 37.05 -13.20 -1.26
N GLY A 70 37.96 -13.33 -0.31
CA GLY A 70 37.65 -12.98 1.06
C GLY A 70 36.57 -13.88 1.68
N ASP A 71 35.53 -13.24 2.21
CA ASP A 71 34.43 -13.95 2.86
C ASP A 71 33.25 -14.19 1.92
N LYS A 72 33.46 -13.88 0.64
CA LYS A 72 32.40 -13.99 -0.36
C LYS A 72 32.79 -14.81 -1.58
N ALA A 73 31.78 -15.29 -2.28
CA ALA A 73 31.98 -16.05 -3.49
C ALA A 73 31.88 -15.02 -4.62
N ALA A 74 32.73 -15.14 -5.64
CA ALA A 74 32.70 -14.17 -6.74
C ALA A 74 32.51 -14.77 -8.12
N LEU A 75 32.08 -13.94 -9.06
CA LEU A 75 31.89 -14.32 -10.46
C LEU A 75 32.51 -13.24 -11.34
N THR A 76 33.60 -13.58 -12.00
CA THR A 76 34.27 -12.64 -12.90
C THR A 76 33.94 -13.00 -14.34
N VAL A 77 33.76 -11.97 -15.16
CA VAL A 77 33.56 -12.20 -16.58
C VAL A 77 34.63 -11.31 -17.22
N THR A 78 35.64 -11.97 -17.76
CA THR A 78 36.78 -11.32 -18.39
C THR A 78 36.47 -11.00 -19.84
N GLY A 79 36.41 -9.71 -20.16
CA GLY A 79 36.09 -9.28 -21.51
C GLY A 79 34.60 -9.42 -21.76
N ALA A 80 33.80 -8.67 -21.00
CA ALA A 80 32.35 -8.73 -21.14
C ALA A 80 31.92 -8.41 -22.57
N GLN A 81 30.89 -9.12 -23.03
CA GLN A 81 30.35 -8.95 -24.37
C GLN A 81 28.93 -8.43 -24.20
N THR A 82 28.43 -7.70 -25.19
CA THR A 82 27.09 -7.14 -25.12
C THR A 82 25.96 -8.14 -24.81
N GLU A 83 26.12 -9.41 -25.19
CA GLU A 83 25.05 -10.38 -24.91
C GLU A 83 25.11 -10.90 -23.48
N ASP A 84 26.08 -10.42 -22.72
CA ASP A 84 26.24 -10.80 -21.33
C ASP A 84 25.35 -9.95 -20.41
N GLU A 85 24.69 -8.96 -20.98
CA GLU A 85 23.79 -8.09 -20.25
C GLU A 85 22.60 -8.93 -19.85
N ALA A 86 22.46 -9.17 -18.56
CA ALA A 86 21.39 -9.98 -18.01
C ALA A 86 21.40 -9.89 -16.49
N ILE A 87 20.59 -10.72 -15.84
CA ILE A 87 20.49 -10.77 -14.38
C ILE A 87 21.17 -12.05 -13.89
N TYR A 88 22.03 -11.91 -12.89
CA TYR A 88 22.73 -13.07 -12.36
C TYR A 88 22.35 -13.37 -10.93
N PHE A 89 22.07 -14.64 -10.65
CA PHE A 89 21.72 -15.09 -9.31
C PHE A 89 22.82 -16.00 -8.80
N CYS A 90 22.84 -16.19 -7.48
CA CYS A 90 23.79 -17.08 -6.82
C CYS A 90 23.04 -17.69 -5.65
N ALA A 91 23.31 -18.96 -5.37
CA ALA A 91 22.70 -19.65 -4.25
C ALA A 91 23.82 -20.28 -3.44
N LEU A 92 23.58 -20.45 -2.14
CA LEU A 92 24.53 -21.06 -1.20
C LEU A 92 23.83 -22.26 -0.56
N TRP A 93 24.59 -23.22 -0.04
CA TRP A 93 24.01 -24.42 0.57
C TRP A 93 24.28 -24.39 2.07
N TYR A 94 23.24 -24.66 2.85
CA TYR A 94 23.34 -24.68 4.30
C TYR A 94 22.94 -26.05 4.91
N SER A 95 23.73 -27.07 4.59
CA SER A 95 23.52 -28.43 5.11
C SER A 95 22.38 -29.26 4.53
N ASN A 96 21.21 -28.67 4.40
CA ASN A 96 20.06 -29.39 3.89
C ASN A 96 19.11 -28.56 3.01
N HIS A 97 19.54 -27.35 2.62
CA HIS A 97 18.72 -26.49 1.79
C HIS A 97 19.52 -25.43 1.04
N TRP A 98 18.97 -24.96 -0.08
CA TRP A 98 19.61 -23.94 -0.89
C TRP A 98 18.90 -22.61 -0.66
N VAL A 99 19.65 -21.52 -0.67
CA VAL A 99 19.01 -20.20 -0.58
C VAL A 99 19.66 -19.20 -1.57
N PHE A 100 18.83 -18.76 -2.54
CA PHE A 100 19.21 -17.85 -3.59
C PHE A 100 19.37 -16.42 -3.16
N GLY A 101 20.24 -15.69 -3.85
CA GLY A 101 20.48 -14.29 -3.58
C GLY A 101 19.44 -13.45 -4.32
N GLY A 102 19.52 -12.14 -4.18
CA GLY A 102 18.56 -11.28 -4.83
C GLY A 102 18.76 -11.11 -6.32
N GLY A 103 19.97 -11.36 -6.78
CA GLY A 103 20.29 -11.21 -8.20
C GLY A 103 20.92 -9.87 -8.46
N THR A 104 21.69 -9.80 -9.52
CA THR A 104 22.38 -8.58 -9.94
C THR A 104 22.04 -8.23 -11.40
N LYS A 105 21.53 -7.02 -11.62
CA LYS A 105 21.24 -6.59 -12.98
C LYS A 105 22.58 -6.09 -13.52
N LEU A 106 23.09 -6.78 -14.55
CA LEU A 106 24.35 -6.40 -15.16
C LEU A 106 24.10 -5.75 -16.52
N THR A 107 24.68 -4.56 -16.71
CA THR A 107 24.54 -3.80 -17.96
C THR A 107 25.88 -3.69 -18.67
N VAL A 108 25.94 -4.20 -19.90
CA VAL A 108 27.15 -4.10 -20.71
C VAL A 108 26.77 -3.10 -21.82
N LEU A 109 27.25 -1.86 -21.70
CA LEU A 109 26.91 -0.78 -22.65
C LEU A 109 27.05 -1.03 -24.15
N GLY A 110 25.94 -1.42 -24.78
CA GLY A 110 25.94 -1.64 -26.20
C GLY A 110 25.49 -0.40 -26.96
N GLN A 111 25.42 0.73 -26.26
CA GLN A 111 24.99 2.02 -26.82
C GLN A 111 25.08 3.09 -25.72
N PRO A 112 25.16 4.39 -26.10
CA PRO A 112 25.25 5.44 -25.07
C PRO A 112 24.04 5.52 -24.12
N LYS A 113 24.34 5.93 -22.89
CA LYS A 113 23.31 6.09 -21.88
C LYS A 113 22.20 6.94 -22.46
N SER A 114 20.97 6.65 -22.06
CA SER A 114 19.83 7.39 -22.57
C SER A 114 18.94 7.72 -21.39
N SER A 115 18.55 8.98 -21.27
CA SER A 115 17.67 9.40 -20.18
C SER A 115 16.23 8.97 -20.45
N PRO A 116 15.43 8.85 -19.39
CA PRO A 116 14.03 8.43 -19.52
C PRO A 116 13.09 9.51 -20.06
N SER A 117 12.17 9.08 -20.90
CA SER A 117 11.16 9.93 -21.49
C SER A 117 9.93 9.71 -20.60
N VAL A 118 9.62 10.69 -19.74
CA VAL A 118 8.50 10.58 -18.81
C VAL A 118 7.22 11.29 -19.25
N THR A 119 6.09 10.70 -18.89
CA THR A 119 4.78 11.22 -19.22
C THR A 119 3.84 10.80 -18.10
N LEU A 120 3.08 11.78 -17.60
CA LEU A 120 2.13 11.61 -16.52
C LEU A 120 0.69 11.89 -16.96
N PHE A 121 -0.18 10.88 -16.81
CA PHE A 121 -1.58 11.01 -17.18
C PHE A 121 -2.46 11.12 -15.96
N THR A 122 -3.52 11.92 -16.12
CA THR A 122 -4.50 12.21 -15.08
C THR A 122 -5.70 11.27 -15.19
N PRO A 123 -6.51 11.14 -14.10
CA PRO A 123 -7.69 10.28 -14.09
C PRO A 123 -8.72 10.68 -15.15
N SER A 124 -9.21 9.71 -15.90
CA SER A 124 -10.21 10.00 -16.92
C SER A 124 -11.55 10.28 -16.23
N SER A 125 -12.43 11.01 -16.91
CA SER A 125 -13.74 11.35 -16.37
C SER A 125 -14.55 10.09 -16.11
N GLU A 126 -14.43 9.11 -17.01
CA GLU A 126 -15.13 7.83 -16.90
C GLU A 126 -14.71 7.05 -15.66
N GLU A 127 -13.46 7.21 -15.23
CA GLU A 127 -12.96 6.50 -14.06
C GLU A 127 -13.37 7.27 -12.81
N LEU A 128 -13.29 8.58 -12.88
CA LEU A 128 -13.68 9.44 -11.77
C LEU A 128 -15.15 9.17 -11.38
N GLU A 129 -15.96 8.73 -12.34
CA GLU A 129 -17.36 8.41 -12.08
C GLU A 129 -17.52 7.32 -11.03
N THR A 130 -16.61 6.34 -11.10
CA THR A 130 -16.60 5.20 -10.20
C THR A 130 -15.90 5.44 -8.88
N ASN A 131 -15.64 6.71 -8.56
CA ASN A 131 -14.99 7.10 -7.30
C ASN A 131 -13.53 6.69 -7.13
N LYS A 132 -12.94 6.21 -8.21
CA LYS A 132 -11.53 5.81 -8.21
C LYS A 132 -10.75 6.70 -9.17
N ALA A 133 -9.52 7.03 -8.82
CA ALA A 133 -8.68 7.87 -9.65
C ALA A 133 -7.26 7.32 -9.78
N THR A 134 -6.99 6.69 -10.92
CA THR A 134 -5.68 6.12 -11.19
C THR A 134 -4.79 7.11 -11.96
N LEU A 135 -3.55 7.22 -11.54
CA LEU A 135 -2.58 8.10 -12.20
C LEU A 135 -1.60 7.16 -12.92
N VAL A 136 -1.42 7.33 -14.23
CA VAL A 136 -0.50 6.50 -15.01
C VAL A 136 0.73 7.29 -15.46
N CYS A 137 1.90 6.90 -14.98
CA CYS A 137 3.13 7.59 -15.34
C CYS A 137 4.05 6.63 -16.10
N THR A 138 4.06 6.77 -17.43
CA THR A 138 4.88 5.92 -18.31
C THR A 138 6.30 6.50 -18.49
N ILE A 139 7.31 5.62 -18.47
CA ILE A 139 8.73 5.99 -18.58
C ILE A 139 9.37 5.15 -19.69
N THR A 140 9.88 5.78 -20.74
CA THR A 140 10.47 5.02 -21.84
C THR A 140 11.80 5.52 -22.39
N ASP A 141 12.42 4.68 -23.21
CA ASP A 141 13.69 5.00 -23.83
C ASP A 141 14.85 5.31 -22.90
N PHE A 142 14.92 4.62 -21.76
CA PHE A 142 16.03 4.83 -20.85
C PHE A 142 17.04 3.68 -20.91
N TYR A 143 18.29 3.99 -20.64
CA TYR A 143 19.37 3.00 -20.68
C TYR A 143 20.57 3.61 -19.96
N PRO A 144 21.20 2.88 -19.03
CA PRO A 144 20.93 1.52 -18.54
C PRO A 144 19.50 1.32 -18.03
N GLY A 145 19.06 0.07 -17.95
CA GLY A 145 17.71 -0.24 -17.51
C GLY A 145 17.39 -0.22 -16.02
N VAL A 146 17.94 0.75 -15.29
CA VAL A 146 17.65 0.90 -13.86
C VAL A 146 17.11 2.32 -13.60
N VAL A 147 15.92 2.39 -13.04
CA VAL A 147 15.28 3.67 -12.77
C VAL A 147 14.63 3.63 -11.38
N THR A 148 14.22 4.77 -10.85
CA THR A 148 13.57 4.84 -9.54
C THR A 148 12.43 5.85 -9.53
N VAL A 149 11.21 5.35 -9.33
CA VAL A 149 9.99 6.16 -9.32
C VAL A 149 9.53 6.67 -7.96
N ASP A 150 9.26 7.97 -7.89
CA ASP A 150 8.79 8.62 -6.66
C ASP A 150 7.56 9.49 -6.95
N TRP A 151 6.56 9.40 -6.09
CA TRP A 151 5.34 10.16 -6.24
C TRP A 151 5.13 11.16 -5.12
N LYS A 152 4.36 12.21 -5.40
CA LYS A 152 4.08 13.27 -4.43
C LYS A 152 2.65 13.78 -4.58
N VAL A 153 2.31 14.76 -3.73
CA VAL A 153 1.02 15.46 -3.68
C VAL A 153 1.28 16.73 -2.88
N ASP A 154 1.14 17.88 -3.54
CA ASP A 154 1.34 19.18 -2.90
C ASP A 154 2.78 19.40 -2.42
N GLY A 155 3.70 18.56 -2.89
CA GLY A 155 5.10 18.69 -2.49
C GLY A 155 5.57 17.67 -1.47
N THR A 156 4.63 17.10 -0.71
CA THR A 156 4.95 16.09 0.30
C THR A 156 4.95 14.71 -0.38
N PRO A 157 5.81 13.79 0.09
CA PRO A 157 5.92 12.44 -0.48
C PRO A 157 4.76 11.49 -0.22
N VAL A 158 4.66 10.47 -1.07
CA VAL A 158 3.61 9.46 -0.95
C VAL A 158 4.27 8.18 -0.44
N THR A 159 3.62 7.53 0.51
CA THR A 159 4.15 6.32 1.11
C THR A 159 3.16 5.15 1.02
N GLN A 160 2.12 5.34 0.24
CA GLN A 160 1.09 4.31 0.05
C GLN A 160 0.33 4.61 -1.22
N GLY A 161 0.31 3.66 -2.16
CA GLY A 161 -0.42 3.87 -3.39
C GLY A 161 0.24 3.47 -4.70
N MET A 162 1.56 3.57 -4.79
CA MET A 162 2.23 3.22 -6.04
C MET A 162 2.57 1.74 -6.22
N GLU A 163 2.74 1.37 -7.50
CA GLU A 163 3.09 0.02 -7.91
C GLU A 163 3.76 0.15 -9.27
N THR A 164 5.09 0.19 -9.26
CA THR A 164 5.86 0.31 -10.49
C THR A 164 6.22 -1.06 -11.04
N THR A 165 6.24 -1.18 -12.38
CA THR A 165 6.57 -2.45 -13.03
C THR A 165 8.07 -2.60 -13.25
N GLN A 166 8.52 -3.84 -13.39
CA GLN A 166 9.93 -4.09 -13.62
C GLN A 166 10.23 -3.72 -15.08
N PRO A 167 11.29 -2.95 -15.31
CA PRO A 167 11.72 -2.50 -16.63
C PRO A 167 11.84 -3.57 -17.72
N SER A 168 11.13 -3.35 -18.82
CA SER A 168 11.16 -4.27 -19.96
C SER A 168 12.08 -3.69 -21.03
N LYS A 169 12.57 -4.56 -21.92
CA LYS A 169 13.42 -4.13 -23.00
C LYS A 169 12.57 -3.84 -24.24
N GLN A 170 12.96 -2.82 -24.99
CA GLN A 170 12.25 -2.44 -26.20
C GLN A 170 13.01 -3.00 -27.42
N SER A 171 12.49 -2.70 -28.60
CA SER A 171 13.10 -3.14 -29.85
C SER A 171 14.48 -2.49 -29.97
N ASN A 172 14.55 -1.21 -29.68
CA ASN A 172 15.81 -0.46 -29.74
C ASN A 172 16.76 -0.85 -28.59
N ASN A 173 16.41 -1.95 -27.92
CA ASN A 173 17.18 -2.48 -26.80
C ASN A 173 17.27 -1.52 -25.61
N LYS A 174 16.32 -0.59 -25.57
CA LYS A 174 16.24 0.36 -24.48
C LYS A 174 15.15 -0.17 -23.58
N TYR A 175 15.11 0.31 -22.34
CA TYR A 175 14.12 -0.14 -21.39
C TYR A 175 12.93 0.81 -21.20
N MET A 176 11.82 0.25 -20.75
CA MET A 176 10.57 0.99 -20.49
C MET A 176 9.96 0.42 -19.21
N ALA A 177 9.16 1.22 -18.52
CA ALA A 177 8.51 0.79 -17.29
C ALA A 177 7.30 1.67 -17.03
N SER A 178 6.42 1.22 -16.15
CA SER A 178 5.22 1.97 -15.85
C SER A 178 4.80 1.93 -14.38
N SER A 179 4.50 3.10 -13.83
CA SER A 179 4.07 3.25 -12.44
C SER A 179 2.64 3.83 -12.33
N TYR A 180 1.90 3.37 -11.33
CA TYR A 180 0.54 3.83 -11.10
C TYR A 180 0.36 4.32 -9.66
N LEU A 181 -0.43 5.37 -9.49
CA LEU A 181 -0.73 5.91 -8.16
C LEU A 181 -2.24 5.92 -8.06
N THR A 182 -2.77 5.04 -7.21
CA THR A 182 -4.21 4.91 -7.02
C THR A 182 -4.75 5.72 -5.84
N LEU A 183 -5.74 6.56 -6.14
CA LEU A 183 -6.39 7.42 -5.16
C LEU A 183 -7.88 7.21 -5.34
N THR A 184 -8.66 7.84 -4.45
CA THR A 184 -10.11 7.78 -4.54
C THR A 184 -10.44 9.12 -5.19
N ALA A 185 -11.64 9.23 -5.77
CA ALA A 185 -12.04 10.47 -6.42
C ALA A 185 -11.97 11.62 -5.40
N ARG A 186 -12.10 11.29 -4.12
CA ARG A 186 -12.05 12.27 -3.06
C ARG A 186 -10.65 12.81 -2.83
N ALA A 187 -9.69 11.90 -2.59
CA ALA A 187 -8.31 12.31 -2.35
C ALA A 187 -7.74 13.07 -3.54
N TRP A 188 -8.21 12.74 -4.74
CA TRP A 188 -7.75 13.42 -5.95
C TRP A 188 -8.23 14.87 -5.97
N GLU A 189 -9.49 15.10 -5.62
CA GLU A 189 -10.05 16.46 -5.61
C GLU A 189 -9.70 17.30 -4.37
N ARG A 190 -8.91 16.74 -3.46
CA ARG A 190 -8.52 17.46 -2.25
C ARG A 190 -7.07 17.97 -2.31
N HIS A 191 -6.40 17.76 -3.45
CA HIS A 191 -5.02 18.20 -3.65
C HIS A 191 -4.91 18.84 -5.02
N SER A 192 -3.88 19.65 -5.23
CA SER A 192 -3.72 20.32 -6.51
C SER A 192 -2.49 19.95 -7.32
N SER A 193 -1.42 19.59 -6.62
CA SER A 193 -0.17 19.23 -7.24
C SER A 193 0.12 17.74 -7.15
N TYR A 194 0.47 17.14 -8.29
CA TYR A 194 0.81 15.72 -8.37
C TYR A 194 2.04 15.63 -9.23
N SER A 195 3.02 14.84 -8.79
CA SER A 195 4.26 14.68 -9.55
C SER A 195 4.81 13.26 -9.54
N CYS A 196 5.49 12.92 -10.63
CA CYS A 196 6.12 11.62 -10.80
C CYS A 196 7.62 11.93 -10.89
N GLN A 197 8.35 11.60 -9.83
CA GLN A 197 9.79 11.82 -9.76
C GLN A 197 10.57 10.60 -10.21
N VAL A 198 11.15 10.68 -11.41
CA VAL A 198 11.91 9.57 -11.97
C VAL A 198 13.43 9.77 -11.95
N THR A 199 14.13 8.89 -11.20
CA THR A 199 15.57 8.96 -11.08
C THR A 199 16.30 7.94 -11.96
N HIS A 200 17.23 8.43 -12.77
CA HIS A 200 18.02 7.58 -13.65
C HIS A 200 19.44 8.14 -13.63
N GLU A 201 20.41 7.25 -13.48
CA GLU A 201 21.82 7.61 -13.45
C GLU A 201 22.13 8.84 -12.61
N GLY A 202 21.73 8.79 -11.33
CA GLY A 202 21.98 9.90 -10.43
C GLY A 202 21.05 11.11 -10.54
N HIS A 203 20.65 11.45 -11.77
CA HIS A 203 19.77 12.60 -12.02
C HIS A 203 18.27 12.29 -11.93
N THR A 204 17.49 13.34 -11.68
CA THR A 204 16.05 13.27 -11.54
C THR A 204 15.27 13.88 -12.71
N VAL A 205 14.19 13.22 -13.11
CA VAL A 205 13.33 13.66 -14.20
C VAL A 205 11.89 13.65 -13.71
N GLU A 206 11.49 14.75 -13.06
CA GLU A 206 10.14 14.92 -12.51
C GLU A 206 9.10 15.51 -13.48
N LYS A 207 7.91 14.91 -13.46
CA LYS A 207 6.77 15.35 -14.28
C LYS A 207 5.70 15.86 -13.31
N SER A 208 4.75 16.66 -13.79
CA SER A 208 3.71 17.19 -12.90
C SER A 208 2.38 17.64 -13.48
N LEU A 209 1.35 17.52 -12.64
CA LEU A 209 -0.04 17.88 -12.94
C LEU A 209 -0.56 18.81 -11.86
N SER A 210 -1.26 19.85 -12.28
CA SER A 210 -1.87 20.79 -11.35
C SER A 210 -3.33 20.82 -11.75
N ARG A 211 -4.23 20.60 -10.79
CA ARG A 211 -5.66 20.60 -11.07
C ARG A 211 -6.26 21.95 -11.42
N ALA A 212 -5.42 22.98 -11.48
CA ALA A 212 -5.87 24.34 -11.81
C ALA A 212 -5.55 24.69 -13.27
N GLU A 213 -4.87 23.78 -13.96
CA GLU A 213 -4.48 23.95 -15.36
C GLU A 213 -5.69 23.86 -16.28
N CYS A 214 -5.43 24.00 -17.59
CA CYS A 214 -6.48 23.93 -18.61
C CYS A 214 -7.56 25.01 -18.46
N SER A 215 -7.22 26.07 -17.73
CA SER A 215 -8.15 27.19 -17.48
C SER A 215 -9.42 26.78 -16.74
N GLN B 1 20.65 -34.21 -26.45
CA GLN B 1 19.45 -33.40 -26.55
C GLN B 1 18.67 -33.41 -25.23
N VAL B 2 19.22 -32.72 -24.23
CA VAL B 2 18.61 -32.62 -22.91
C VAL B 2 17.49 -31.57 -22.88
N THR B 3 16.28 -32.02 -22.55
CA THR B 3 15.12 -31.15 -22.51
C THR B 3 14.36 -31.32 -21.20
N LEU B 4 13.73 -30.24 -20.74
CA LEU B 4 12.93 -30.27 -19.50
C LEU B 4 11.66 -29.47 -19.84
N LYS B 5 10.51 -29.98 -19.43
CA LYS B 5 9.26 -29.30 -19.74
C LYS B 5 8.28 -29.49 -18.60
N GLU B 6 7.93 -28.37 -17.96
CA GLU B 6 7.00 -28.42 -16.85
C GLU B 6 5.53 -28.33 -17.28
N SER B 7 4.64 -28.95 -16.50
CA SER B 7 3.20 -28.96 -16.79
C SER B 7 2.40 -28.64 -15.52
N GLY B 8 1.39 -27.78 -15.65
CA GLY B 8 0.59 -27.38 -14.50
C GLY B 8 -0.80 -26.88 -14.83
N PRO B 9 -1.59 -26.48 -13.81
CA PRO B 9 -2.96 -25.96 -13.93
C PRO B 9 -3.13 -24.55 -14.54
N GLY B 10 -2.35 -23.59 -14.07
CA GLY B 10 -2.44 -22.24 -14.59
C GLY B 10 -3.07 -21.27 -13.60
N ILE B 11 -4.32 -21.53 -13.24
CA ILE B 11 -5.03 -20.71 -12.28
C ILE B 11 -5.48 -21.64 -11.17
N LEU B 12 -5.57 -21.12 -9.96
CA LEU B 12 -5.98 -21.95 -8.83
C LEU B 12 -6.67 -21.12 -7.77
N GLN B 13 -7.59 -21.75 -7.06
CA GLN B 13 -8.34 -21.11 -5.98
C GLN B 13 -7.50 -21.29 -4.73
N PRO B 14 -7.53 -20.31 -3.81
CA PRO B 14 -6.74 -20.47 -2.57
C PRO B 14 -7.22 -21.75 -1.89
N SER B 15 -6.35 -22.38 -1.12
CA SER B 15 -6.64 -23.63 -0.39
C SER B 15 -6.41 -24.92 -1.19
N GLN B 16 -6.60 -24.86 -2.50
CA GLN B 16 -6.41 -26.02 -3.37
C GLN B 16 -4.98 -26.59 -3.41
N THR B 17 -4.85 -27.75 -4.05
CA THR B 17 -3.57 -28.44 -4.17
C THR B 17 -2.95 -28.27 -5.54
N LEU B 18 -1.68 -27.89 -5.56
CA LEU B 18 -0.96 -27.72 -6.80
C LEU B 18 -0.28 -29.03 -7.16
N SER B 19 -0.24 -29.34 -8.46
CA SER B 19 0.40 -30.55 -8.95
C SER B 19 1.21 -30.29 -10.21
N LEU B 20 2.53 -30.14 -10.03
CA LEU B 20 3.43 -29.90 -11.15
C LEU B 20 4.11 -31.19 -11.57
N THR B 21 4.39 -31.27 -12.86
CA THR B 21 5.07 -32.42 -13.45
C THR B 21 6.24 -31.86 -14.27
N CYS B 22 7.33 -32.58 -14.24
CA CYS B 22 8.50 -32.19 -14.98
C CYS B 22 8.89 -33.38 -15.83
N SER B 23 8.54 -33.32 -17.12
CA SER B 23 8.88 -34.38 -18.06
C SER B 23 10.22 -34.02 -18.68
N PHE B 24 11.14 -34.97 -18.75
CA PHE B 24 12.45 -34.68 -19.32
C PHE B 24 12.97 -35.63 -20.38
N SER B 25 13.98 -35.18 -21.11
CA SER B 25 14.57 -35.94 -22.21
C SER B 25 16.09 -35.76 -22.20
N GLY B 26 16.79 -36.76 -22.74
CA GLY B 26 18.24 -36.71 -22.81
C GLY B 26 18.98 -37.21 -21.59
N PHE B 27 18.26 -37.79 -20.64
CA PHE B 27 18.87 -38.34 -19.43
C PHE B 27 17.90 -39.15 -18.57
N SER B 28 18.45 -39.92 -17.64
CA SER B 28 17.65 -40.74 -16.76
C SER B 28 18.03 -40.62 -15.31
N LEU B 29 17.02 -40.72 -14.44
CA LEU B 29 17.25 -40.64 -13.01
C LEU B 29 17.71 -41.98 -12.48
N SER B 30 18.04 -42.89 -13.39
CA SER B 30 18.53 -44.19 -12.99
C SER B 30 20.03 -44.04 -12.75
N THR B 31 20.67 -43.18 -13.54
CA THR B 31 22.11 -43.01 -13.43
C THR B 31 22.54 -42.09 -12.29
N SER B 32 23.69 -42.41 -11.70
CA SER B 32 24.23 -41.64 -10.61
C SER B 32 24.60 -40.20 -11.00
N GLY B 33 24.54 -39.31 -10.02
CA GLY B 33 24.86 -37.91 -10.26
C GLY B 33 23.67 -37.12 -10.81
N MET B 34 22.63 -37.83 -11.23
CA MET B 34 21.45 -37.16 -11.78
C MET B 34 20.34 -36.98 -10.75
N GLY B 35 19.63 -35.86 -10.88
CA GLY B 35 18.52 -35.53 -10.00
C GLY B 35 17.87 -34.27 -10.53
N VAL B 36 16.64 -33.97 -10.12
CA VAL B 36 16.03 -32.73 -10.61
C VAL B 36 15.60 -31.80 -9.49
N GLY B 37 15.69 -30.50 -9.73
CA GLY B 37 15.31 -29.51 -8.74
C GLY B 37 14.11 -28.68 -9.15
N TRP B 38 13.45 -28.09 -8.16
CA TRP B 38 12.29 -27.25 -8.39
C TRP B 38 12.56 -25.84 -7.88
N ILE B 39 12.45 -24.85 -8.76
CA ILE B 39 12.68 -23.44 -8.38
C ILE B 39 11.52 -22.59 -8.87
N ARG B 40 11.14 -21.57 -8.12
CA ARG B 40 10.05 -20.70 -8.57
C ARG B 40 10.45 -19.21 -8.51
N GLN B 41 9.94 -18.45 -9.48
CA GLN B 41 10.22 -17.02 -9.55
C GLN B 41 8.95 -16.19 -9.35
N PRO B 42 8.70 -15.78 -8.08
CA PRO B 42 7.53 -14.99 -7.72
C PRO B 42 7.54 -13.70 -8.52
N SER B 43 6.42 -13.41 -9.16
CA SER B 43 6.29 -12.23 -9.98
C SER B 43 6.83 -10.99 -9.28
N GLY B 44 7.77 -10.33 -9.97
CA GLY B 44 8.39 -9.13 -9.45
C GLY B 44 9.49 -9.38 -8.43
N GLU B 45 9.83 -10.65 -8.22
CA GLU B 45 10.86 -11.02 -7.25
C GLU B 45 11.97 -11.88 -7.85
N GLY B 46 12.85 -12.35 -6.96
CA GLY B 46 13.95 -13.20 -7.35
C GLY B 46 13.57 -14.66 -7.35
N LEU B 47 14.57 -15.53 -7.21
CA LEU B 47 14.35 -16.97 -7.20
C LEU B 47 14.19 -17.54 -5.80
N GLU B 48 13.36 -18.58 -5.69
CA GLU B 48 13.12 -19.28 -4.41
C GLU B 48 13.13 -20.79 -4.61
N TRP B 49 14.23 -21.43 -4.21
CA TRP B 49 14.40 -22.86 -4.33
C TRP B 49 13.35 -23.62 -3.54
N LEU B 50 12.81 -24.67 -4.16
CA LEU B 50 11.77 -25.49 -3.54
C LEU B 50 12.19 -26.87 -3.03
N ALA B 51 12.60 -27.76 -3.95
CA ALA B 51 12.99 -29.10 -3.57
C ALA B 51 13.96 -29.75 -4.54
N ASP B 52 14.69 -30.75 -4.03
CA ASP B 52 15.68 -31.52 -4.78
C ASP B 52 15.41 -32.99 -4.55
N ILE B 53 15.46 -33.77 -5.62
CA ILE B 53 15.26 -35.21 -5.56
C ILE B 53 16.30 -35.86 -6.49
N TRP B 54 17.13 -36.73 -5.93
CA TRP B 54 18.19 -37.39 -6.68
C TRP B 54 17.89 -38.82 -7.13
N TRP B 55 18.84 -39.45 -7.81
CA TRP B 55 18.68 -40.82 -8.30
C TRP B 55 18.49 -41.83 -7.17
N ASN B 56 19.17 -41.61 -6.05
CA ASN B 56 19.10 -42.50 -4.88
C ASN B 56 17.90 -42.20 -3.98
N ASP B 57 17.00 -41.37 -4.49
CA ASP B 57 15.78 -41.01 -3.78
C ASP B 57 16.00 -40.15 -2.54
N LYS B 58 17.09 -39.39 -2.52
CA LYS B 58 17.35 -38.47 -1.42
C LYS B 58 16.64 -37.14 -1.74
N LYS B 59 15.64 -36.77 -0.92
CA LYS B 59 14.89 -35.53 -1.10
C LYS B 59 15.36 -34.41 -0.17
N TYR B 60 15.39 -33.18 -0.69
CA TYR B 60 15.81 -31.98 0.06
C TYR B 60 14.77 -30.90 -0.13
N TYR B 61 14.31 -30.29 0.98
CA TYR B 61 13.26 -29.27 0.94
C TYR B 61 13.55 -27.87 1.47
N ASN B 62 12.63 -26.95 1.13
CA ASN B 62 12.68 -25.57 1.60
C ASN B 62 12.12 -25.69 3.02
N PRO B 63 12.90 -25.26 4.02
CA PRO B 63 12.56 -25.31 5.45
C PRO B 63 11.20 -24.74 5.86
N SER B 64 10.82 -23.61 5.29
CA SER B 64 9.54 -22.99 5.64
C SER B 64 8.34 -23.59 4.93
N LEU B 65 8.59 -24.23 3.78
CA LEU B 65 7.53 -24.81 2.98
C LEU B 65 7.40 -26.30 3.23
N LYS B 66 8.33 -26.85 3.99
CA LYS B 66 8.38 -28.27 4.31
C LYS B 66 7.02 -28.95 4.47
N SER B 67 6.26 -28.53 5.47
CA SER B 67 4.95 -29.11 5.75
C SER B 67 3.93 -29.16 4.61
N ARG B 68 4.18 -28.40 3.55
CA ARG B 68 3.25 -28.37 2.41
C ARG B 68 3.80 -29.00 1.13
N LEU B 69 5.12 -29.15 1.07
CA LEU B 69 5.83 -29.70 -0.08
C LEU B 69 6.09 -31.20 -0.05
N THR B 70 5.99 -31.83 -1.23
CA THR B 70 6.27 -33.25 -1.39
C THR B 70 6.77 -33.51 -2.83
N VAL B 71 8.01 -33.95 -2.95
CA VAL B 71 8.63 -34.23 -4.25
C VAL B 71 8.79 -35.73 -4.46
N SER B 72 8.58 -36.19 -5.69
CA SER B 72 8.67 -37.60 -6.02
C SER B 72 9.05 -37.87 -7.47
N LYS B 73 9.79 -38.97 -7.71
CA LYS B 73 10.22 -39.34 -9.06
C LYS B 73 9.58 -40.59 -9.62
N ASP B 74 9.53 -40.63 -10.94
CA ASP B 74 8.98 -41.76 -11.67
C ASP B 74 10.00 -42.05 -12.75
N THR B 75 11.07 -42.74 -12.37
CA THR B 75 12.14 -43.08 -13.30
C THR B 75 11.59 -43.83 -14.51
N SER B 76 10.62 -44.73 -14.24
CA SER B 76 9.96 -45.54 -15.25
C SER B 76 9.40 -44.68 -16.39
N SER B 77 8.60 -43.69 -16.05
CA SER B 77 8.00 -42.81 -17.04
C SER B 77 8.85 -41.61 -17.43
N ASN B 78 9.93 -41.38 -16.68
CA ASN B 78 10.84 -40.26 -16.97
C ASN B 78 10.25 -38.88 -16.62
N GLN B 79 9.64 -38.78 -15.43
CA GLN B 79 9.06 -37.53 -14.97
C GLN B 79 9.17 -37.39 -13.47
N VAL B 80 9.22 -36.15 -12.99
CA VAL B 80 9.30 -35.87 -11.56
C VAL B 80 8.07 -35.05 -11.19
N PHE B 81 7.58 -35.22 -9.96
CA PHE B 81 6.39 -34.50 -9.52
C PHE B 81 6.63 -33.63 -8.29
N LEU B 82 5.74 -32.66 -8.09
CA LEU B 82 5.81 -31.75 -6.94
C LEU B 82 4.39 -31.41 -6.56
N LYS B 83 4.03 -31.64 -5.31
CA LYS B 83 2.70 -31.32 -4.79
C LYS B 83 2.87 -30.27 -3.72
N ILE B 84 1.99 -29.27 -3.73
CA ILE B 84 2.04 -28.19 -2.76
C ILE B 84 0.61 -27.85 -2.35
N THR B 85 0.22 -28.33 -1.18
CA THR B 85 -1.12 -28.14 -0.61
C THR B 85 -1.39 -26.77 -0.05
N SER B 86 -2.67 -26.51 0.28
CA SER B 86 -3.13 -25.25 0.86
C SER B 86 -2.48 -24.03 0.24
N VAL B 87 -2.45 -24.06 -1.08
CA VAL B 87 -1.88 -23.02 -1.90
C VAL B 87 -2.63 -21.72 -1.61
N ASP B 88 -1.89 -20.62 -1.45
CA ASP B 88 -2.49 -19.30 -1.23
C ASP B 88 -1.94 -18.26 -2.21
N THR B 89 -2.03 -17.00 -1.83
CA THR B 89 -1.58 -15.92 -2.68
C THR B 89 -0.08 -15.87 -2.96
N SER B 90 0.72 -16.26 -1.98
CA SER B 90 2.17 -16.25 -2.11
C SER B 90 2.72 -17.26 -3.12
N ASP B 91 1.87 -18.18 -3.57
CA ASP B 91 2.30 -19.21 -4.51
C ASP B 91 2.18 -18.87 -6.00
N THR B 92 1.67 -17.68 -6.31
CA THR B 92 1.57 -17.29 -7.70
C THR B 92 3.00 -16.89 -8.10
N ALA B 93 3.56 -17.64 -9.04
CA ALA B 93 4.91 -17.43 -9.56
C ALA B 93 4.98 -18.32 -10.77
N THR B 94 6.14 -18.39 -11.41
CA THR B 94 6.29 -19.29 -12.53
C THR B 94 7.21 -20.38 -12.00
N TYR B 95 6.80 -21.63 -12.17
CA TYR B 95 7.60 -22.75 -11.67
C TYR B 95 8.52 -23.37 -12.72
N HIS B 96 9.75 -23.65 -12.33
CA HIS B 96 10.72 -24.23 -13.22
C HIS B 96 11.30 -25.48 -12.59
N CYS B 97 11.75 -26.41 -13.44
CA CYS B 97 12.44 -27.59 -12.97
C CYS B 97 13.78 -27.52 -13.70
N ALA B 98 14.83 -27.90 -13.00
CA ALA B 98 16.17 -27.88 -13.55
C ALA B 98 16.90 -29.19 -13.23
N ARG B 99 17.75 -29.60 -14.16
CA ARG B 99 18.54 -30.81 -14.02
C ARG B 99 19.63 -30.55 -13.01
N ARG B 100 19.73 -31.45 -12.04
CA ARG B 100 20.74 -31.36 -11.00
C ARG B 100 21.80 -32.38 -11.34
N THR B 101 23.05 -31.98 -11.23
CA THR B 101 24.17 -32.85 -11.55
C THR B 101 25.15 -32.87 -10.38
N PHE B 102 25.66 -34.06 -10.08
CA PHE B 102 26.63 -34.25 -9.00
C PHE B 102 27.95 -34.82 -9.51
N SER B 103 29.06 -34.18 -9.15
CA SER B 103 30.39 -34.63 -9.53
C SER B 103 31.28 -34.67 -8.29
N TYR B 104 32.04 -35.75 -8.15
CA TYR B 104 32.95 -35.94 -7.02
C TYR B 104 34.36 -35.99 -7.60
N TYR B 105 34.98 -34.83 -7.77
CA TYR B 105 36.32 -34.75 -8.35
C TYR B 105 37.46 -34.57 -7.34
N TYR B 106 38.23 -35.64 -7.16
CA TYR B 106 39.38 -35.65 -6.25
C TYR B 106 39.04 -35.26 -4.80
N GLY B 107 37.95 -35.80 -4.28
CA GLY B 107 37.56 -35.49 -2.92
C GLY B 107 36.67 -34.27 -2.87
N SER B 108 36.71 -33.49 -3.94
CA SER B 108 35.87 -32.30 -4.04
C SER B 108 34.55 -32.64 -4.70
N SER B 109 33.48 -32.07 -4.13
CA SER B 109 32.14 -32.26 -4.67
C SER B 109 31.72 -31.02 -5.44
N PHE B 110 30.84 -31.22 -6.42
CA PHE B 110 30.32 -30.15 -7.26
C PHE B 110 28.85 -30.44 -7.48
N TYR B 111 28.02 -29.41 -7.42
CA TYR B 111 26.59 -29.57 -7.63
C TYR B 111 26.18 -28.45 -8.59
N TYR B 112 25.50 -28.82 -9.68
CA TYR B 112 25.10 -27.86 -10.70
C TYR B 112 23.61 -27.78 -10.95
N PHE B 113 23.22 -26.67 -11.59
CA PHE B 113 21.84 -26.38 -12.01
C PHE B 113 22.09 -25.99 -13.49
N ASP B 114 22.24 -26.98 -14.37
CA ASP B 114 22.55 -26.70 -15.77
C ASP B 114 21.41 -26.43 -16.73
N ASN B 115 20.56 -27.42 -16.97
CA ASN B 115 19.44 -27.25 -17.89
C ASN B 115 18.20 -26.83 -17.12
N TRP B 116 17.46 -25.85 -17.66
CA TRP B 116 16.23 -25.35 -17.05
C TRP B 116 15.07 -25.37 -18.04
N GLY B 117 13.86 -25.61 -17.55
CA GLY B 117 12.72 -25.58 -18.45
C GLY B 117 12.28 -24.13 -18.59
N GLN B 118 11.49 -23.80 -19.61
CA GLN B 118 11.06 -22.41 -19.76
C GLN B 118 10.15 -21.98 -18.62
N GLY B 119 9.32 -22.92 -18.13
CA GLY B 119 8.43 -22.65 -17.03
C GLY B 119 6.95 -22.79 -17.30
N THR B 120 6.19 -22.80 -16.21
CA THR B 120 4.75 -22.87 -16.25
C THR B 120 4.32 -21.81 -15.25
N THR B 121 3.24 -21.12 -15.56
CA THR B 121 2.75 -20.05 -14.71
C THR B 121 1.53 -20.44 -13.88
N LEU B 122 1.45 -19.92 -12.66
CA LEU B 122 0.33 -20.18 -11.78
C LEU B 122 -0.14 -18.93 -11.04
N THR B 123 -1.44 -18.66 -11.13
CA THR B 123 -2.05 -17.52 -10.43
C THR B 123 -3.10 -18.04 -9.48
N VAL B 124 -2.83 -17.89 -8.19
CA VAL B 124 -3.74 -18.36 -7.15
C VAL B 124 -4.70 -17.23 -6.82
N SER B 125 -5.76 -17.10 -7.61
CA SER B 125 -6.76 -16.06 -7.41
C SER B 125 -8.13 -16.67 -7.12
N SER B 126 -8.88 -16.05 -6.21
CA SER B 126 -10.20 -16.56 -5.87
C SER B 126 -11.24 -15.95 -6.80
N ALA B 127 -10.83 -14.89 -7.48
CA ALA B 127 -11.67 -14.15 -8.40
C ALA B 127 -12.16 -14.96 -9.59
N LYS B 128 -13.35 -14.59 -10.08
CA LYS B 128 -13.96 -15.23 -11.25
C LYS B 128 -13.62 -14.38 -12.45
N THR B 129 -13.64 -14.98 -13.64
CA THR B 129 -13.33 -14.27 -14.88
C THR B 129 -14.10 -12.95 -14.97
N THR B 130 -13.36 -11.86 -15.16
CA THR B 130 -13.92 -10.52 -15.23
C THR B 130 -13.41 -9.73 -16.42
N PRO B 131 -14.32 -9.07 -17.17
CA PRO B 131 -13.97 -8.25 -18.35
C PRO B 131 -13.10 -7.06 -17.93
N PRO B 132 -12.30 -6.52 -18.87
CA PRO B 132 -11.44 -5.37 -18.55
C PRO B 132 -12.16 -4.03 -18.70
N SER B 133 -11.80 -3.09 -17.84
CA SER B 133 -12.36 -1.75 -17.88
C SER B 133 -11.34 -0.94 -18.66
N VAL B 134 -11.77 -0.26 -19.72
CA VAL B 134 -10.84 0.52 -20.52
C VAL B 134 -11.08 2.01 -20.41
N TYR B 135 -10.04 2.76 -20.03
CA TYR B 135 -10.13 4.21 -19.87
C TYR B 135 -9.10 4.89 -20.77
N PRO B 136 -9.52 5.94 -21.49
CA PRO B 136 -8.66 6.70 -22.40
C PRO B 136 -7.75 7.65 -21.63
N LEU B 137 -6.46 7.64 -21.97
CA LEU B 137 -5.49 8.51 -21.32
C LEU B 137 -5.13 9.70 -22.23
N ALA B 138 -5.98 10.72 -22.19
CA ALA B 138 -5.78 11.93 -22.99
C ALA B 138 -4.74 12.80 -22.29
N PRO B 139 -3.99 13.58 -23.07
CA PRO B 139 -2.96 14.44 -22.49
C PRO B 139 -3.52 15.58 -21.64
N GLY B 140 -3.06 15.67 -20.40
CA GLY B 140 -3.51 16.74 -19.53
C GLY B 140 -2.81 18.03 -19.96
N CYS B 141 -3.08 19.12 -19.26
CA CYS B 141 -2.44 20.39 -19.61
C CYS B 141 -0.95 20.44 -19.29
N GLY B 142 -0.42 21.65 -19.20
CA GLY B 142 0.99 21.82 -18.92
C GLY B 142 1.75 21.63 -20.21
N ASP B 143 1.77 20.39 -20.70
CA ASP B 143 2.46 20.10 -21.95
C ASP B 143 1.55 19.51 -23.01
N THR B 144 0.67 20.37 -23.53
CA THR B 144 -0.25 20.01 -24.60
C THR B 144 0.42 20.45 -25.90
N THR B 145 1.39 21.36 -25.76
CA THR B 145 2.15 21.88 -26.86
C THR B 145 3.39 21.01 -27.03
N GLY B 146 4.03 21.11 -28.20
CA GLY B 146 5.20 20.32 -28.48
C GLY B 146 5.08 19.67 -29.83
N SER B 147 6.18 19.16 -30.36
CA SER B 147 6.21 18.51 -31.67
C SER B 147 5.21 17.35 -31.82
N SER B 148 5.29 16.37 -30.92
CA SER B 148 4.40 15.21 -30.96
C SER B 148 3.64 15.07 -29.64
N VAL B 149 2.54 14.33 -29.68
CA VAL B 149 1.71 14.13 -28.49
C VAL B 149 1.46 12.65 -28.20
N THR B 150 1.73 12.26 -26.97
CA THR B 150 1.56 10.87 -26.55
C THR B 150 0.21 10.59 -25.91
N LEU B 151 -0.52 9.63 -26.48
CA LEU B 151 -1.84 9.24 -25.97
C LEU B 151 -1.75 7.88 -25.27
N GLY B 152 -2.86 7.41 -24.68
CA GLY B 152 -2.80 6.12 -24.01
C GLY B 152 -4.10 5.40 -23.70
N CYS B 153 -3.96 4.20 -23.17
CA CYS B 153 -5.10 3.39 -22.78
C CYS B 153 -4.85 2.58 -21.50
N LEU B 154 -5.69 2.81 -20.50
CA LEU B 154 -5.61 2.12 -19.22
C LEU B 154 -6.59 0.96 -19.23
N VAL B 155 -6.05 -0.26 -19.24
CA VAL B 155 -6.86 -1.47 -19.24
C VAL B 155 -6.87 -1.97 -17.80
N LYS B 156 -8.04 -1.95 -17.15
CA LYS B 156 -8.14 -2.32 -15.74
C LYS B 156 -9.07 -3.45 -15.30
N GLY B 157 -8.72 -4.08 -14.17
CA GLY B 157 -9.48 -5.14 -13.54
C GLY B 157 -10.05 -6.29 -14.32
N TYR B 158 -9.19 -7.20 -14.76
CA TYR B 158 -9.63 -8.37 -15.52
C TYR B 158 -8.97 -9.65 -15.04
N PHE B 159 -9.55 -10.78 -15.42
CA PHE B 159 -9.03 -12.10 -15.05
C PHE B 159 -9.60 -13.19 -15.95
N PRO B 160 -8.75 -14.15 -16.39
CA PRO B 160 -7.33 -14.28 -16.09
C PRO B 160 -6.52 -13.37 -17.02
N GLU B 161 -5.20 -13.57 -17.04
CA GLU B 161 -4.35 -12.75 -17.89
C GLU B 161 -4.50 -13.12 -19.36
N SER B 162 -3.95 -12.24 -20.21
CA SER B 162 -3.93 -12.32 -21.67
C SER B 162 -4.96 -11.36 -22.25
N VAL B 163 -4.46 -10.22 -22.70
CA VAL B 163 -5.26 -9.14 -23.29
C VAL B 163 -4.40 -8.44 -24.32
N THR B 164 -4.95 -8.20 -25.51
CA THR B 164 -4.20 -7.55 -26.58
C THR B 164 -4.85 -6.24 -27.04
N VAL B 165 -4.03 -5.18 -27.09
CA VAL B 165 -4.49 -3.87 -27.51
C VAL B 165 -3.90 -3.41 -28.84
N THR B 166 -4.75 -2.85 -29.70
CA THR B 166 -4.32 -2.36 -31.00
C THR B 166 -4.73 -0.91 -31.24
N TRP B 167 -3.78 -0.10 -31.66
CA TRP B 167 -4.00 1.31 -31.93
C TRP B 167 -4.36 1.54 -33.39
N ASN B 168 -5.11 2.61 -33.65
CA ASN B 168 -5.52 2.93 -35.02
C ASN B 168 -5.57 4.43 -35.29
N SER B 169 -4.45 4.99 -35.74
CA SER B 169 -4.34 6.42 -36.05
C SER B 169 -4.46 6.66 -37.56
N GLY B 170 -4.96 7.85 -37.93
CA GLY B 170 -5.13 8.18 -39.34
C GLY B 170 -3.88 8.75 -40.01
N SER B 171 -2.71 8.42 -39.48
CA SER B 171 -1.46 8.91 -40.06
C SER B 171 -0.24 8.11 -39.61
N LEU B 172 0.20 8.33 -38.37
CA LEU B 172 1.38 7.65 -37.85
C LEU B 172 1.36 7.25 -36.36
N SER B 173 0.51 6.28 -35.99
CA SER B 173 0.49 5.80 -34.60
C SER B 173 1.73 4.91 -34.53
N SER B 174 2.88 5.58 -34.43
CA SER B 174 4.18 4.92 -34.42
C SER B 174 4.66 4.29 -33.13
N SER B 175 5.02 5.14 -32.17
CA SER B 175 5.52 4.66 -30.90
C SER B 175 4.52 4.05 -29.94
N VAL B 176 4.27 2.76 -30.13
CA VAL B 176 3.36 2.01 -29.28
C VAL B 176 4.21 1.26 -28.24
N HIS B 177 3.94 1.52 -26.97
CA HIS B 177 4.65 0.90 -25.86
C HIS B 177 3.62 0.20 -24.99
N THR B 178 3.53 -1.11 -25.11
CA THR B 178 2.62 -1.91 -24.31
C THR B 178 3.39 -2.36 -23.06
N PHE B 179 2.77 -2.14 -21.90
CA PHE B 179 3.40 -2.47 -20.61
C PHE B 179 2.87 -3.75 -19.95
N PRO B 180 3.74 -4.49 -19.24
CA PRO B 180 3.32 -5.73 -18.57
C PRO B 180 2.26 -5.57 -17.46
N ALA B 181 1.50 -6.65 -17.23
CA ALA B 181 0.45 -6.69 -16.22
C ALA B 181 0.98 -6.49 -14.79
N LEU B 182 0.14 -5.94 -13.92
CA LEU B 182 0.54 -5.67 -12.55
C LEU B 182 -0.40 -6.19 -11.45
N LEU B 183 -0.98 -7.37 -11.64
CA LEU B 183 -1.93 -7.97 -10.68
C LEU B 183 -2.05 -7.25 -9.35
N GLN B 184 -3.10 -6.44 -9.23
CA GLN B 184 -3.35 -5.67 -8.03
C GLN B 184 -4.03 -6.52 -6.97
N SER B 185 -5.34 -6.73 -7.13
CA SER B 185 -6.10 -7.52 -6.16
C SER B 185 -6.92 -8.65 -6.79
N GLY B 186 -6.21 -9.61 -7.37
CA GLY B 186 -6.86 -10.76 -8.00
C GLY B 186 -7.20 -10.48 -9.45
N LEU B 187 -7.13 -9.19 -9.82
CA LEU B 187 -7.42 -8.75 -11.17
C LEU B 187 -6.20 -7.95 -11.61
N TYR B 188 -5.90 -8.00 -12.91
CA TYR B 188 -4.73 -7.32 -13.45
C TYR B 188 -4.94 -5.87 -13.83
N THR B 189 -3.92 -5.27 -14.44
CA THR B 189 -3.92 -3.89 -14.88
C THR B 189 -2.68 -3.67 -15.74
N MET B 190 -2.88 -3.16 -16.94
CA MET B 190 -1.76 -2.86 -17.83
C MET B 190 -2.05 -1.57 -18.56
N SER B 191 -1.07 -1.12 -19.35
CA SER B 191 -1.19 0.11 -20.12
C SER B 191 -0.50 -0.01 -21.47
N SER B 192 -0.91 0.87 -22.38
CA SER B 192 -0.35 0.94 -23.71
C SER B 192 -0.42 2.40 -24.12
N SER B 193 0.69 2.90 -24.65
CA SER B 193 0.77 4.29 -25.09
C SER B 193 1.22 4.34 -26.55
N VAL B 194 0.72 5.33 -27.29
CA VAL B 194 1.12 5.48 -28.67
C VAL B 194 1.50 6.95 -28.88
N THR B 195 2.45 7.19 -29.80
CA THR B 195 2.87 8.56 -30.06
C THR B 195 2.64 9.01 -31.50
N VAL B 196 2.10 10.20 -31.64
CA VAL B 196 1.80 10.80 -32.92
C VAL B 196 2.13 12.30 -32.87
N PRO B 197 2.53 12.89 -34.00
CA PRO B 197 2.87 14.31 -34.07
C PRO B 197 1.65 15.17 -33.75
N SER B 198 1.87 16.30 -33.09
CA SER B 198 0.80 17.21 -32.68
C SER B 198 -0.11 17.77 -33.77
N SER B 199 0.08 17.33 -35.00
CA SER B 199 -0.73 17.79 -36.13
C SER B 199 -1.63 16.70 -36.69
N THR B 200 -1.63 15.54 -36.04
CA THR B 200 -2.43 14.41 -36.49
C THR B 200 -3.46 13.95 -35.45
N TRP B 201 -3.70 14.80 -34.47
CA TRP B 201 -4.67 14.55 -33.39
C TRP B 201 -4.91 15.90 -32.78
N PRO B 202 -6.17 16.27 -32.51
CA PRO B 202 -7.46 15.61 -32.71
C PRO B 202 -7.87 15.38 -34.15
N SER B 203 -7.21 16.07 -35.08
CA SER B 203 -7.49 15.97 -36.52
C SER B 203 -7.76 14.52 -36.94
N GLN B 204 -6.74 13.67 -36.88
CA GLN B 204 -6.90 12.26 -37.22
C GLN B 204 -7.49 11.51 -36.04
N THR B 205 -8.31 10.51 -36.34
CA THR B 205 -8.97 9.68 -35.33
C THR B 205 -8.09 8.56 -34.78
N VAL B 206 -7.86 8.59 -33.46
CA VAL B 206 -7.07 7.56 -32.77
C VAL B 206 -8.01 6.77 -31.88
N THR B 207 -7.91 5.44 -31.94
CA THR B 207 -8.75 4.54 -31.16
C THR B 207 -7.94 3.34 -30.74
N CYS B 208 -8.08 2.95 -29.48
CA CYS B 208 -7.38 1.78 -28.99
C CYS B 208 -8.40 0.66 -28.85
N SER B 209 -8.06 -0.51 -29.40
CA SER B 209 -8.93 -1.69 -29.35
C SER B 209 -8.37 -2.65 -28.32
N VAL B 210 -9.25 -3.18 -27.47
CA VAL B 210 -8.85 -4.10 -26.41
C VAL B 210 -9.55 -5.43 -26.56
N ALA B 211 -8.82 -6.52 -26.30
CA ALA B 211 -9.40 -7.86 -26.40
C ALA B 211 -9.08 -8.75 -25.21
N HIS B 212 -10.09 -9.47 -24.73
CA HIS B 212 -9.92 -10.39 -23.60
C HIS B 212 -10.57 -11.71 -24.02
N PRO B 213 -9.84 -12.54 -24.79
CA PRO B 213 -10.32 -13.84 -25.28
C PRO B 213 -10.98 -14.73 -24.22
N ALA B 214 -10.39 -14.76 -23.03
CA ALA B 214 -10.92 -15.55 -21.92
C ALA B 214 -12.38 -15.21 -21.68
N SER B 215 -12.75 -13.97 -22.03
CA SER B 215 -14.11 -13.46 -21.85
C SER B 215 -14.74 -13.09 -23.18
N SER B 216 -13.93 -13.11 -24.24
CA SER B 216 -14.36 -12.79 -25.60
C SER B 216 -14.74 -11.32 -25.86
N THR B 217 -14.85 -10.52 -24.80
CA THR B 217 -15.23 -9.12 -24.93
C THR B 217 -14.14 -8.26 -25.58
N THR B 218 -14.58 -7.31 -26.40
CA THR B 218 -13.67 -6.40 -27.09
C THR B 218 -14.15 -4.95 -26.93
N VAL B 219 -13.20 -4.05 -26.67
CA VAL B 219 -13.52 -2.64 -26.46
C VAL B 219 -12.76 -1.68 -27.37
N ASP B 220 -13.50 -0.75 -27.96
CA ASP B 220 -12.94 0.29 -28.81
C ASP B 220 -13.17 1.61 -28.11
N LYS B 221 -12.08 2.32 -27.84
CA LYS B 221 -12.16 3.60 -27.14
C LYS B 221 -11.46 4.71 -27.93
N LYS B 222 -12.22 5.73 -28.29
CA LYS B 222 -11.68 6.86 -29.04
C LYS B 222 -10.98 7.82 -28.08
N LEU B 223 -9.82 8.31 -28.50
CA LEU B 223 -9.04 9.25 -27.70
C LEU B 223 -9.44 10.70 -28.02
N GLU B 224 -10.21 11.30 -27.12
CA GLU B 224 -10.63 12.68 -27.30
C GLU B 224 -9.90 13.58 -26.32
N PRO B 225 -9.62 14.82 -26.73
CA PRO B 225 -8.93 15.88 -25.97
C PRO B 225 -9.56 16.15 -24.62
N SER B 226 -8.72 16.58 -23.68
CA SER B 226 -9.19 16.91 -22.34
C SER B 226 -9.25 18.42 -22.21
N GLY B 227 -10.42 18.94 -21.86
CA GLY B 227 -10.57 20.38 -21.73
C GLY B 227 -10.94 20.83 -20.34
N PRO B 228 -11.45 22.07 -20.20
CA PRO B 228 -11.85 22.68 -18.92
C PRO B 228 -12.98 21.90 -18.26
N PHE C 1 -13.15 21.77 -7.55
CA PHE C 1 -11.74 21.94 -7.91
C PHE C 1 -11.02 22.86 -6.93
N ALA C 2 -11.79 23.48 -6.03
CA ALA C 2 -11.23 24.38 -5.01
C ALA C 2 -10.84 23.57 -3.80
N VAL C 3 -9.67 23.86 -3.25
CA VAL C 3 -9.24 23.15 -2.06
C VAL C 3 -8.92 24.09 -0.90
N VAL C 4 -9.62 23.91 0.21
CA VAL C 4 -9.42 24.71 1.42
C VAL C 4 -8.27 24.10 2.23
N THR C 5 -7.29 24.95 2.52
CA THR C 5 -6.07 24.54 3.22
C THR C 5 -5.89 25.32 4.51
N GLN C 6 -5.26 24.68 5.49
CA GLN C 6 -5.01 25.27 6.80
C GLN C 6 -3.95 24.45 7.53
N GLU C 7 -3.23 25.10 8.45
CA GLU C 7 -2.16 24.45 9.24
C GLU C 7 -2.48 23.03 9.72
N SER C 8 -1.52 22.13 9.60
CA SER C 8 -1.74 20.76 10.06
C SER C 8 -1.75 20.66 11.58
N ALA C 9 -0.91 21.47 12.23
CA ALA C 9 -0.82 21.48 13.69
C ALA C 9 -0.13 22.72 14.23
N LEU C 10 -0.53 23.12 15.44
CA LEU C 10 0.03 24.28 16.12
C LEU C 10 0.02 24.03 17.62
N THR C 11 1.05 24.50 18.31
CA THR C 11 1.16 24.36 19.77
C THR C 11 1.20 25.77 20.38
N THR C 12 0.77 25.87 21.63
CA THR C 12 0.75 27.14 22.35
C THR C 12 0.73 26.87 23.84
N SER C 13 0.75 27.92 24.64
CA SER C 13 0.69 27.78 26.08
C SER C 13 -0.53 28.52 26.58
N PRO C 14 -1.05 28.14 27.75
CA PRO C 14 -2.24 28.81 28.29
C PRO C 14 -1.96 30.28 28.47
N GLY C 15 -2.89 31.12 28.02
CA GLY C 15 -2.73 32.56 28.15
C GLY C 15 -2.09 33.25 26.95
N GLU C 16 -1.87 32.50 25.88
CA GLU C 16 -1.27 33.06 24.67
C GLU C 16 -2.30 33.29 23.58
N THR C 17 -1.97 34.16 22.62
CA THR C 17 -2.86 34.47 21.50
C THR C 17 -2.33 33.73 20.28
N VAL C 18 -3.14 32.82 19.74
CA VAL C 18 -2.75 32.06 18.56
C VAL C 18 -3.78 32.29 17.46
N THR C 19 -3.35 32.23 16.20
CA THR C 19 -4.25 32.42 15.08
C THR C 19 -4.12 31.26 14.09
N LEU C 20 -5.25 30.75 13.63
CA LEU C 20 -5.29 29.65 12.67
C LEU C 20 -5.85 30.27 11.40
N THR C 21 -5.44 29.78 10.23
CA THR C 21 -5.93 30.35 8.97
C THR C 21 -6.68 29.38 8.08
N CYS C 22 -7.36 29.93 7.09
CA CYS C 22 -8.17 29.16 6.17
C CYS C 22 -8.07 29.81 4.80
N ARG C 23 -7.43 29.12 3.86
CA ARG C 23 -7.29 29.67 2.51
C ARG C 23 -7.83 28.75 1.43
N SER C 24 -8.07 29.33 0.26
CA SER C 24 -8.58 28.58 -0.88
C SER C 24 -7.65 28.68 -2.09
N SER C 25 -7.55 27.57 -2.81
CA SER C 25 -6.72 27.47 -4.00
C SER C 25 -7.12 28.50 -5.07
N THR C 26 -8.43 28.70 -5.18
CA THR C 26 -9.05 29.62 -6.13
C THR C 26 -8.51 31.06 -6.11
N GLY C 27 -8.25 31.57 -4.91
CA GLY C 27 -7.74 32.93 -4.77
C GLY C 27 -7.83 33.36 -3.32
N ALA C 28 -8.23 34.60 -3.09
CA ALA C 28 -8.35 35.13 -1.74
C ALA C 28 -9.74 34.84 -1.17
N VAL C 29 -9.84 34.75 0.16
CA VAL C 29 -11.12 34.50 0.80
C VAL C 29 -11.80 35.86 0.94
N THR C 30 -13.11 35.89 0.75
CA THR C 30 -13.87 37.13 0.87
C THR C 30 -15.14 36.85 1.62
N THR C 31 -15.82 37.92 2.00
CA THR C 31 -17.08 37.84 2.71
C THR C 31 -18.02 36.86 2.00
N SER C 32 -17.96 36.85 0.67
CA SER C 32 -18.78 35.97 -0.17
C SER C 32 -18.53 34.48 0.12
N ASN C 33 -17.39 34.19 0.75
CA ASN C 33 -17.01 32.82 1.06
C ASN C 33 -17.67 32.32 2.34
N TYR C 34 -18.16 33.24 3.16
CA TYR C 34 -18.86 32.91 4.40
C TYR C 34 -18.15 31.92 5.31
N ALA C 35 -16.88 32.16 5.59
CA ALA C 35 -16.08 31.25 6.43
C ALA C 35 -16.76 30.80 7.71
N ILE C 36 -16.84 29.48 7.87
CA ILE C 36 -17.42 28.85 9.05
C ILE C 36 -16.27 28.25 9.86
N TRP C 37 -16.43 28.10 11.17
CA TRP C 37 -15.40 27.47 12.01
C TRP C 37 -16.01 26.52 13.05
N VAL C 38 -15.62 25.25 13.03
CA VAL C 38 -16.15 24.30 14.01
C VAL C 38 -15.03 23.63 14.80
N GLN C 39 -15.37 23.06 15.95
CA GLN C 39 -14.40 22.44 16.83
C GLN C 39 -14.68 20.97 17.03
N GLU C 40 -13.65 20.13 16.97
CA GLU C 40 -13.84 18.70 17.20
C GLU C 40 -13.17 18.28 18.49
N LYS C 41 -14.00 18.04 19.49
CA LYS C 41 -13.53 17.59 20.79
C LYS C 41 -13.60 16.06 20.70
N PRO C 42 -12.67 15.36 21.38
CA PRO C 42 -12.71 13.89 21.31
C PRO C 42 -14.07 13.32 21.70
N ASP C 43 -14.52 12.36 20.88
CA ASP C 43 -15.79 11.63 20.98
C ASP C 43 -16.77 12.10 19.91
N HIS C 44 -16.24 12.63 18.80
CA HIS C 44 -17.05 13.14 17.69
C HIS C 44 -17.93 14.28 18.17
N LEU C 45 -17.37 15.04 19.10
CA LEU C 45 -18.01 16.19 19.70
C LEU C 45 -17.67 17.43 18.89
N PHE C 46 -18.62 17.84 18.07
CA PHE C 46 -18.49 19.02 17.22
C PHE C 46 -19.32 20.16 17.77
N SER C 47 -18.90 21.38 17.48
CA SER C 47 -19.63 22.56 17.91
C SER C 47 -19.31 23.80 17.07
N GLY C 48 -20.37 24.58 16.78
CA GLY C 48 -20.22 25.79 15.98
C GLY C 48 -19.48 26.87 16.72
N LEU C 49 -18.55 27.51 16.03
CA LEU C 49 -17.73 28.58 16.61
C LEU C 49 -18.01 29.93 15.97
N ILE C 50 -17.71 30.04 14.69
CA ILE C 50 -17.89 31.27 13.93
C ILE C 50 -18.86 31.09 12.77
N GLY C 51 -19.56 32.17 12.45
CA GLY C 51 -20.52 32.20 11.35
C GLY C 51 -20.28 33.47 10.56
N GLY C 52 -20.87 33.58 9.38
CA GLY C 52 -20.63 34.75 8.54
C GLY C 52 -19.14 34.58 8.39
N THR C 53 -18.34 35.53 8.81
CA THR C 53 -16.90 35.29 8.76
C THR C 53 -16.30 35.73 10.07
N ASN C 54 -17.10 36.50 10.82
CA ASN C 54 -16.67 37.02 12.11
C ASN C 54 -17.75 37.14 13.17
N ASN C 55 -18.79 36.33 13.07
CA ASN C 55 -19.85 36.34 14.08
C ASN C 55 -19.80 35.03 14.87
N ARG C 56 -19.76 35.16 16.20
CA ARG C 56 -19.68 34.03 17.09
C ARG C 56 -21.04 33.43 17.46
N VAL C 57 -21.08 32.10 17.54
CA VAL C 57 -22.31 31.39 17.89
C VAL C 57 -22.61 31.61 19.37
N PRO C 58 -23.87 31.98 19.70
CA PRO C 58 -24.30 32.24 21.08
C PRO C 58 -23.95 31.10 22.03
N GLY C 59 -23.02 31.37 22.94
CA GLY C 59 -22.59 30.37 23.92
C GLY C 59 -21.07 30.19 23.98
N VAL C 60 -20.42 30.44 22.84
CA VAL C 60 -18.99 30.31 22.67
C VAL C 60 -18.23 31.40 23.42
N PRO C 61 -17.14 31.03 24.11
CA PRO C 61 -16.31 31.97 24.86
C PRO C 61 -15.84 33.14 24.00
N ALA C 62 -15.88 34.34 24.58
CA ALA C 62 -15.50 35.55 23.87
C ALA C 62 -14.05 35.60 23.42
N ARG C 63 -13.23 34.70 23.95
CA ARG C 63 -11.82 34.66 23.55
C ARG C 63 -11.63 34.17 22.12
N PHE C 64 -12.71 33.74 21.49
CA PHE C 64 -12.69 33.27 20.12
C PHE C 64 -13.19 34.40 19.23
N SER C 65 -12.45 34.69 18.16
CA SER C 65 -12.81 35.74 17.24
C SER C 65 -12.27 35.41 15.86
N GLY C 66 -13.10 35.58 14.84
CA GLY C 66 -12.68 35.26 13.49
C GLY C 66 -12.67 36.49 12.62
N SER C 67 -11.87 36.46 11.56
CA SER C 67 -11.77 37.61 10.66
C SER C 67 -10.86 37.36 9.46
N LEU C 68 -10.94 38.27 8.49
CA LEU C 68 -10.14 38.21 7.28
C LEU C 68 -8.76 38.79 7.53
N ILE C 69 -7.72 37.96 7.41
CA ILE C 69 -6.36 38.45 7.59
C ILE C 69 -5.62 38.23 6.29
N GLY C 70 -5.61 39.27 5.46
CA GLY C 70 -4.95 39.19 4.18
C GLY C 70 -5.89 38.57 3.15
N ASP C 71 -5.53 37.38 2.70
CA ASP C 71 -6.31 36.66 1.71
C ASP C 71 -6.96 35.41 2.28
N LYS C 72 -6.76 35.20 3.58
CA LYS C 72 -7.30 34.03 4.28
C LYS C 72 -8.32 34.44 5.33
N ALA C 73 -9.11 33.46 5.77
CA ALA C 73 -10.07 33.67 6.85
C ALA C 73 -9.31 33.19 8.08
N ALA C 74 -9.30 33.97 9.16
CA ALA C 74 -8.58 33.57 10.36
C ALA C 74 -9.42 33.42 11.61
N LEU C 75 -8.92 32.57 12.52
CA LEU C 75 -9.54 32.30 13.82
C LEU C 75 -8.48 32.62 14.87
N THR C 76 -8.80 33.54 15.77
CA THR C 76 -7.87 33.94 16.81
C THR C 76 -8.43 33.69 18.20
N VAL C 77 -7.76 32.85 18.97
CA VAL C 77 -8.20 32.64 20.33
C VAL C 77 -7.21 33.43 21.19
N THR C 78 -7.74 34.48 21.83
CA THR C 78 -6.98 35.39 22.70
C THR C 78 -6.77 34.86 24.11
N GLY C 79 -5.56 34.41 24.42
CA GLY C 79 -5.32 33.87 25.74
C GLY C 79 -5.94 32.50 25.77
N ALA C 80 -5.30 31.57 25.06
CA ALA C 80 -5.78 30.21 24.95
C ALA C 80 -5.76 29.52 26.30
N GLN C 81 -6.70 28.59 26.50
CA GLN C 81 -6.80 27.84 27.75
C GLN C 81 -6.59 26.36 27.43
N THR C 82 -6.33 25.57 28.46
CA THR C 82 -6.10 24.14 28.33
C THR C 82 -7.27 23.38 27.69
N GLU C 83 -8.51 23.79 27.98
CA GLU C 83 -9.70 23.13 27.42
C GLU C 83 -9.91 23.37 25.93
N ASP C 84 -9.08 24.23 25.35
CA ASP C 84 -9.15 24.56 23.93
C ASP C 84 -8.37 23.63 23.00
N GLU C 85 -7.64 22.69 23.59
CA GLU C 85 -6.85 21.74 22.82
C GLU C 85 -7.83 20.83 22.11
N ALA C 86 -8.01 21.07 20.82
CA ALA C 86 -8.95 20.31 20.00
C ALA C 86 -8.56 20.39 18.53
N ILE C 87 -9.45 19.93 17.65
CA ILE C 87 -9.22 19.99 16.22
C ILE C 87 -10.23 20.97 15.64
N TYR C 88 -9.72 21.96 14.89
CA TYR C 88 -10.55 23.00 14.29
C TYR C 88 -10.64 22.94 12.76
N PHE C 89 -11.87 22.89 12.26
CA PHE C 89 -12.12 22.86 10.82
C PHE C 89 -12.70 24.21 10.39
N CYS C 90 -12.48 24.57 9.14
CA CYS C 90 -13.05 25.81 8.60
C CYS C 90 -13.69 25.32 7.34
N ALA C 91 -14.66 26.06 6.84
CA ALA C 91 -15.33 25.69 5.61
C ALA C 91 -15.64 26.96 4.84
N LEU C 92 -15.58 26.86 3.53
CA LEU C 92 -15.85 28.00 2.67
C LEU C 92 -16.96 27.63 1.70
N TRP C 93 -17.83 28.60 1.41
CA TRP C 93 -18.94 28.38 0.50
C TRP C 93 -18.62 28.97 -0.87
N TYR C 94 -18.70 28.14 -1.91
CA TYR C 94 -18.46 28.56 -3.29
C TYR C 94 -19.73 28.46 -4.13
N SER C 95 -20.57 29.49 -4.02
CA SER C 95 -21.85 29.62 -4.75
C SER C 95 -22.99 28.65 -4.50
N ASN C 96 -22.69 27.35 -4.46
CA ASN C 96 -23.74 26.36 -4.24
C ASN C 96 -23.31 25.17 -3.41
N HIS C 97 -22.13 25.27 -2.80
CA HIS C 97 -21.60 24.20 -1.96
C HIS C 97 -20.50 24.64 -0.99
N TRP C 98 -20.35 23.85 0.07
CA TRP C 98 -19.34 24.07 1.11
C TRP C 98 -18.18 23.11 0.89
N VAL C 99 -16.95 23.57 1.11
CA VAL C 99 -15.80 22.69 0.99
C VAL C 99 -14.98 22.91 2.26
N PHE C 100 -15.04 21.92 3.14
CA PHE C 100 -14.33 21.94 4.41
C PHE C 100 -12.84 21.82 4.23
N GLY C 101 -12.08 22.29 5.21
CA GLY C 101 -10.64 22.18 5.15
C GLY C 101 -10.26 20.84 5.75
N GLY C 102 -8.97 20.63 5.98
CA GLY C 102 -8.52 19.37 6.54
C GLY C 102 -8.53 19.29 8.05
N GLY C 103 -8.29 20.42 8.71
CA GLY C 103 -8.29 20.46 10.17
C GLY C 103 -6.98 20.85 10.81
N THR C 104 -7.05 21.56 11.94
CA THR C 104 -5.86 21.98 12.65
C THR C 104 -5.84 21.42 14.08
N LYS C 105 -4.81 20.65 14.38
CA LYS C 105 -4.66 20.08 15.70
C LYS C 105 -4.02 21.15 16.55
N LEU C 106 -4.83 21.87 17.32
CA LEU C 106 -4.32 22.91 18.22
C LEU C 106 -4.07 22.29 19.58
N THR C 107 -2.80 22.26 19.98
CA THR C 107 -2.44 21.72 21.30
C THR C 107 -2.06 22.88 22.23
N VAL C 108 -2.76 22.98 23.36
CA VAL C 108 -2.51 24.03 24.33
C VAL C 108 -1.83 23.40 25.55
N LEU C 109 -0.51 23.53 25.62
CA LEU C 109 0.30 22.93 26.69
C LEU C 109 -0.27 22.89 28.10
N GLY C 110 -0.78 21.72 28.49
CA GLY C 110 -1.37 21.55 29.80
C GLY C 110 -0.58 20.66 30.75
N GLN C 111 0.62 20.29 30.33
CA GLN C 111 1.53 19.47 31.13
C GLN C 111 2.85 19.50 30.39
N PRO C 112 3.94 19.10 31.07
CA PRO C 112 5.24 19.12 30.38
C PRO C 112 5.26 18.11 29.23
N LYS C 113 6.14 18.33 28.28
CA LYS C 113 6.26 17.43 27.14
C LYS C 113 6.76 16.05 27.58
N SER C 114 6.13 15.03 27.02
CA SER C 114 6.42 13.64 27.31
C SER C 114 6.84 12.95 26.02
N SER C 115 7.95 12.23 26.07
CA SER C 115 8.48 11.51 24.91
C SER C 115 7.85 10.12 24.80
N PRO C 116 7.79 9.58 23.58
CA PRO C 116 7.20 8.26 23.28
C PRO C 116 7.88 7.08 23.97
N SER C 117 7.09 6.06 24.28
CA SER C 117 7.59 4.84 24.89
C SER C 117 7.34 3.77 23.82
N VAL C 118 8.29 3.66 22.89
CA VAL C 118 8.18 2.74 21.76
C VAL C 118 8.45 1.28 22.04
N THR C 119 7.62 0.42 21.46
CA THR C 119 7.75 -1.02 21.58
C THR C 119 7.42 -1.68 20.25
N LEU C 120 8.42 -2.36 19.68
CA LEU C 120 8.30 -3.05 18.40
C LEU C 120 8.24 -4.58 18.53
N PHE C 121 7.05 -5.16 18.40
CA PHE C 121 6.87 -6.60 18.50
C PHE C 121 7.27 -7.33 17.21
N THR C 122 7.59 -8.61 17.34
CA THR C 122 8.00 -9.44 16.22
C THR C 122 6.82 -10.30 15.73
N PRO C 123 6.89 -10.83 14.49
CA PRO C 123 5.77 -11.66 14.01
C PRO C 123 5.71 -13.03 14.72
N SER C 124 4.51 -13.45 15.14
CA SER C 124 4.36 -14.72 15.84
C SER C 124 4.36 -15.92 14.91
N SER C 125 4.57 -17.10 15.50
CA SER C 125 4.60 -18.36 14.75
C SER C 125 3.28 -18.69 14.04
N GLU C 126 2.17 -18.68 14.79
CA GLU C 126 0.86 -18.98 14.20
C GLU C 126 0.49 -18.07 13.03
N GLU C 127 1.07 -16.87 12.98
CA GLU C 127 0.79 -15.97 11.88
C GLU C 127 1.64 -16.44 10.70
N LEU C 128 2.94 -16.60 10.91
CA LEU C 128 3.84 -17.03 9.85
C LEU C 128 3.33 -18.28 9.13
N GLU C 129 2.67 -19.16 9.88
CA GLU C 129 2.11 -20.40 9.33
C GLU C 129 1.12 -20.07 8.22
N THR C 130 0.66 -18.82 8.18
CA THR C 130 -0.29 -18.37 7.18
C THR C 130 0.36 -17.53 6.08
N ASN C 131 1.70 -17.50 6.05
CA ASN C 131 2.46 -16.75 5.06
C ASN C 131 2.42 -15.23 5.20
N LYS C 132 1.96 -14.78 6.36
CA LYS C 132 1.86 -13.35 6.66
C LYS C 132 2.83 -13.04 7.79
N ALA C 133 3.17 -11.77 7.96
CA ALA C 133 4.07 -11.34 9.01
C ALA C 133 3.84 -9.88 9.38
N THR C 134 3.05 -9.64 10.42
CA THR C 134 2.75 -8.28 10.87
C THR C 134 3.67 -7.83 12.02
N LEU C 135 4.53 -6.84 11.77
CA LEU C 135 5.36 -6.33 12.84
C LEU C 135 4.52 -5.20 13.47
N VAL C 136 4.32 -5.28 14.79
CA VAL C 136 3.51 -4.27 15.49
C VAL C 136 4.40 -3.26 16.22
N CYS C 137 4.18 -1.97 15.99
CA CYS C 137 4.96 -0.92 16.67
C CYS C 137 4.00 -0.01 17.41
N THR C 138 4.02 -0.08 18.74
CA THR C 138 3.11 0.73 19.55
C THR C 138 3.83 1.91 20.21
N ILE C 139 3.27 3.11 20.05
CA ILE C 139 3.83 4.32 20.64
C ILE C 139 2.85 4.84 21.72
N THR C 140 3.36 5.05 22.92
CA THR C 140 2.52 5.52 24.02
C THR C 140 3.18 6.59 24.88
N ASP C 141 2.37 7.22 25.72
CA ASP C 141 2.82 8.26 26.64
C ASP C 141 3.58 9.44 26.04
N PHE C 142 3.03 10.06 24.99
CA PHE C 142 3.67 11.22 24.39
C PHE C 142 2.73 12.43 24.37
N TYR C 143 3.33 13.61 24.44
CA TYR C 143 2.59 14.86 24.44
C TYR C 143 3.60 15.94 24.01
N PRO C 144 3.23 16.76 23.02
CA PRO C 144 2.01 16.83 22.21
C PRO C 144 1.65 15.57 21.41
N GLY C 145 0.37 15.41 21.10
CA GLY C 145 -0.11 14.25 20.35
C GLY C 145 0.19 14.24 18.86
N VAL C 146 1.40 14.67 18.51
CA VAL C 146 1.81 14.67 17.10
C VAL C 146 3.13 13.90 16.98
N VAL C 147 3.11 12.85 16.15
CA VAL C 147 4.28 12.02 15.97
C VAL C 147 4.31 11.45 14.55
N THR C 148 5.51 11.23 14.02
CA THR C 148 5.66 10.67 12.68
C THR C 148 6.39 9.33 12.83
N VAL C 149 6.01 8.36 12.02
CA VAL C 149 6.60 7.03 12.10
C VAL C 149 7.20 6.51 10.80
N ASP C 150 8.51 6.25 10.85
CA ASP C 150 9.25 5.74 9.70
C ASP C 150 9.79 4.33 9.93
N TRP C 151 9.43 3.41 9.04
CA TRP C 151 9.90 2.03 9.13
C TRP C 151 11.08 1.85 8.17
N LYS C 152 12.14 1.19 8.64
CA LYS C 152 13.32 0.95 7.82
C LYS C 152 13.63 -0.56 7.82
N VAL C 153 13.67 -1.16 6.63
CA VAL C 153 13.99 -2.57 6.49
C VAL C 153 15.43 -2.71 6.01
N ASP C 154 16.29 -3.22 6.87
CA ASP C 154 17.70 -3.38 6.57
C ASP C 154 18.28 -2.02 6.20
N GLY C 155 18.13 -1.07 7.10
CA GLY C 155 18.65 0.27 6.90
C GLY C 155 17.94 1.14 5.85
N THR C 156 17.42 0.52 4.80
CA THR C 156 16.76 1.29 3.76
C THR C 156 15.29 1.57 4.06
N PRO C 157 14.88 2.84 3.97
CA PRO C 157 13.50 3.25 4.25
C PRO C 157 12.49 2.47 3.42
N VAL C 158 11.40 2.09 4.08
CA VAL C 158 10.30 1.33 3.46
C VAL C 158 9.39 2.38 2.83
N THR C 159 8.52 1.95 1.92
CA THR C 159 7.58 2.85 1.25
C THR C 159 6.20 2.23 1.05
N GLN C 160 6.06 0.94 1.38
CA GLN C 160 4.79 0.24 1.23
C GLN C 160 4.58 -0.77 2.35
N GLY C 161 3.33 -1.21 2.52
CA GLY C 161 3.00 -2.18 3.57
C GLY C 161 2.63 -1.55 4.91
N MET C 162 3.30 -0.45 5.25
CA MET C 162 3.08 0.27 6.51
C MET C 162 1.77 1.05 6.60
N GLU C 163 1.26 1.20 7.81
CA GLU C 163 0.01 1.91 8.09
C GLU C 163 -0.01 2.25 9.60
N THR C 164 -0.47 3.45 9.94
CA THR C 164 -0.49 3.92 11.34
C THR C 164 -1.84 4.49 11.79
N THR C 165 -2.20 4.25 13.05
CA THR C 165 -3.46 4.77 13.58
C THR C 165 -3.26 6.21 14.01
N GLN C 166 -4.32 7.01 13.87
CA GLN C 166 -4.28 8.42 14.27
C GLN C 166 -4.33 8.42 15.81
N PRO C 167 -3.49 9.24 16.45
CA PRO C 167 -3.41 9.35 17.91
C PRO C 167 -4.72 9.41 18.71
N SER C 168 -4.71 8.68 19.82
CA SER C 168 -5.82 8.65 20.76
C SER C 168 -5.29 9.14 22.11
N LYS C 169 -6.14 9.83 22.84
CA LYS C 169 -5.77 10.37 24.13
C LYS C 169 -5.93 9.32 25.21
N GLN C 170 -4.90 9.21 26.05
CA GLN C 170 -4.92 8.28 27.17
C GLN C 170 -5.67 8.94 28.32
N SER C 171 -5.71 8.27 29.47
CA SER C 171 -6.38 8.79 30.64
C SER C 171 -5.60 9.95 31.24
N ASN C 172 -4.27 9.80 31.30
CA ASN C 172 -3.40 10.84 31.85
C ASN C 172 -3.16 11.96 30.85
N ASN C 173 -4.12 12.11 29.93
CA ASN C 173 -4.08 13.12 28.90
C ASN C 173 -2.87 13.08 27.97
N LYS C 174 -2.19 11.93 27.94
CA LYS C 174 -1.06 11.72 27.06
C LYS C 174 -1.66 11.03 25.86
N TYR C 175 -0.90 10.95 24.77
CA TYR C 175 -1.43 10.31 23.56
C TYR C 175 -0.79 8.98 23.26
N MET C 176 -1.50 8.16 22.48
CA MET C 176 -1.03 6.84 22.10
C MET C 176 -1.42 6.53 20.66
N ALA C 177 -0.65 5.65 20.02
CA ALA C 177 -0.89 5.23 18.65
C ALA C 177 -0.08 3.97 18.38
N SER C 178 -0.33 3.34 17.22
CA SER C 178 0.39 2.14 16.84
C SER C 178 0.42 1.98 15.33
N SER C 179 1.57 1.53 14.84
CA SER C 179 1.79 1.32 13.41
C SER C 179 2.06 -0.16 13.12
N TYR C 180 1.49 -0.67 12.03
CA TYR C 180 1.64 -2.07 11.60
C TYR C 180 2.36 -2.21 10.26
N LEU C 181 3.39 -3.05 10.20
CA LEU C 181 4.11 -3.29 8.95
C LEU C 181 3.73 -4.69 8.47
N THR C 182 3.11 -4.77 7.30
CA THR C 182 2.70 -6.07 6.76
C THR C 182 3.49 -6.62 5.57
N LEU C 183 4.28 -7.65 5.85
CA LEU C 183 5.11 -8.32 4.87
C LEU C 183 4.53 -9.73 4.75
N THR C 184 5.07 -10.50 3.81
CA THR C 184 4.68 -11.90 3.63
C THR C 184 5.78 -12.67 4.37
N ALA C 185 5.51 -13.93 4.71
CA ALA C 185 6.53 -14.73 5.39
C ALA C 185 7.82 -14.70 4.56
N ARG C 186 7.67 -14.70 3.23
CA ARG C 186 8.80 -14.67 2.31
C ARG C 186 9.67 -13.42 2.46
N ALA C 187 9.06 -12.24 2.33
CA ALA C 187 9.79 -10.97 2.44
C ALA C 187 10.39 -10.75 3.83
N TRP C 188 9.88 -11.51 4.79
CA TRP C 188 10.34 -11.45 6.17
C TRP C 188 11.66 -12.23 6.36
N GLU C 189 11.78 -13.36 5.68
CA GLU C 189 12.97 -14.21 5.75
C GLU C 189 14.11 -13.64 4.93
N ARG C 190 13.78 -12.78 3.97
CA ARG C 190 14.79 -12.16 3.09
C ARG C 190 15.57 -11.02 3.72
N HIS C 191 15.13 -10.55 4.90
CA HIS C 191 15.81 -9.42 5.55
C HIS C 191 16.28 -9.70 6.98
N SER C 192 17.30 -8.95 7.41
CA SER C 192 17.89 -9.17 8.72
C SER C 192 17.41 -8.22 9.82
N SER C 193 17.30 -6.95 9.47
CA SER C 193 16.89 -5.96 10.45
C SER C 193 15.68 -5.15 10.05
N TYR C 194 14.88 -4.80 11.05
CA TYR C 194 13.67 -4.00 10.87
C TYR C 194 13.66 -3.02 12.03
N SER C 195 13.36 -1.75 11.72
CA SER C 195 13.34 -0.70 12.71
C SER C 195 12.11 0.17 12.64
N CYS C 196 11.68 0.63 13.80
CA CYS C 196 10.52 1.51 13.91
C CYS C 196 11.04 2.85 14.42
N GLN C 197 11.03 3.87 13.57
CA GLN C 197 11.49 5.19 13.95
C GLN C 197 10.32 6.11 14.27
N VAL C 198 10.26 6.55 15.52
CA VAL C 198 9.19 7.42 15.97
C VAL C 198 9.78 8.78 16.32
N THR C 199 9.53 9.76 15.46
CA THR C 199 10.03 11.10 15.70
C THR C 199 8.95 11.98 16.33
N HIS C 200 9.31 12.60 17.44
CA HIS C 200 8.39 13.46 18.20
C HIS C 200 9.16 14.70 18.65
N GLU C 201 8.60 15.88 18.37
CA GLU C 201 9.23 17.15 18.77
C GLU C 201 10.73 17.22 18.41
N GLY C 202 11.05 16.94 17.15
CA GLY C 202 12.43 16.99 16.72
C GLY C 202 13.25 15.76 17.06
N HIS C 203 13.14 15.28 18.30
CA HIS C 203 13.88 14.08 18.72
C HIS C 203 13.28 12.78 18.15
N THR C 204 14.16 11.83 17.85
CA THR C 204 13.75 10.56 17.28
C THR C 204 14.13 9.34 18.12
N VAL C 205 13.12 8.55 18.50
CA VAL C 205 13.31 7.33 19.27
C VAL C 205 13.05 6.17 18.31
N GLU C 206 13.98 5.23 18.25
CA GLU C 206 13.88 4.10 17.34
C GLU C 206 14.06 2.75 18.03
N LYS C 207 13.32 1.76 17.54
CA LYS C 207 13.40 0.41 18.05
C LYS C 207 13.71 -0.55 16.92
N SER C 208 14.73 -1.37 17.11
CA SER C 208 15.17 -2.32 16.10
C SER C 208 14.80 -3.76 16.44
N LEU C 209 15.10 -4.66 15.50
CA LEU C 209 14.81 -6.06 15.66
C LEU C 209 15.65 -6.91 14.71
N SER C 210 16.45 -7.80 15.27
CA SER C 210 17.31 -8.69 14.48
C SER C 210 16.79 -10.13 14.52
N ARG C 211 16.85 -10.81 13.38
CA ARG C 211 16.38 -12.19 13.28
C ARG C 211 17.39 -13.26 13.70
N ALA C 212 18.60 -13.19 13.12
CA ALA C 212 19.66 -14.16 13.38
C ALA C 212 20.16 -14.33 14.81
N GLU C 213 21.25 -15.08 14.93
CA GLU C 213 21.93 -15.41 16.19
C GLU C 213 21.10 -16.21 17.19
N CYS C 214 19.83 -15.86 17.33
CA CYS C 214 18.94 -16.60 18.23
C CYS C 214 18.41 -17.80 17.45
N SER C 215 19.13 -18.14 16.38
CA SER C 215 18.82 -19.25 15.48
C SER C 215 18.59 -20.59 16.20
N GLN D 1 -33.19 23.59 24.05
CA GLN D 1 -32.74 22.23 24.28
C GLN D 1 -32.65 21.50 22.93
N VAL D 2 -31.79 22.01 22.05
CA VAL D 2 -31.62 21.44 20.73
C VAL D 2 -30.88 20.11 20.77
N THR D 3 -31.53 19.09 20.22
CA THR D 3 -30.96 17.75 20.13
C THR D 3 -31.17 17.20 18.71
N LEU D 4 -30.15 16.54 18.18
CA LEU D 4 -30.22 15.91 16.86
C LEU D 4 -29.73 14.49 17.02
N LYS D 5 -30.41 13.57 16.36
CA LYS D 5 -30.04 12.16 16.44
C LYS D 5 -30.20 11.53 15.06
N GLU D 6 -29.17 10.82 14.61
CA GLU D 6 -29.22 10.16 13.32
C GLU D 6 -29.41 8.65 13.45
N SER D 7 -29.88 8.02 12.39
CA SER D 7 -30.15 6.59 12.34
C SER D 7 -29.74 6.01 10.98
N GLY D 8 -29.15 4.83 10.99
CA GLY D 8 -28.71 4.21 9.76
C GLY D 8 -28.52 2.70 9.90
N PRO D 9 -28.26 1.99 8.78
CA PRO D 9 -28.04 0.55 8.71
C PRO D 9 -26.81 0.06 9.48
N GLY D 10 -25.76 0.88 9.50
CA GLY D 10 -24.55 0.51 10.20
C GLY D 10 -23.60 -0.26 9.31
N ILE D 11 -24.10 -1.34 8.72
CA ILE D 11 -23.34 -2.18 7.80
C ILE D 11 -24.12 -2.22 6.50
N LEU D 12 -23.41 -2.11 5.39
CA LEU D 12 -24.04 -2.14 4.07
C LEU D 12 -23.07 -2.71 3.03
N GLN D 13 -23.65 -3.39 2.04
CA GLN D 13 -22.86 -3.99 0.96
C GLN D 13 -22.86 -3.09 -0.26
N PRO D 14 -21.82 -3.21 -1.10
CA PRO D 14 -21.67 -2.42 -2.32
C PRO D 14 -22.90 -2.48 -3.21
N SER D 15 -23.23 -1.36 -3.84
CA SER D 15 -24.38 -1.22 -4.73
C SER D 15 -25.70 -0.91 -4.00
N GLN D 16 -25.75 -1.22 -2.71
CA GLN D 16 -26.95 -0.98 -1.91
C GLN D 16 -27.22 0.51 -1.68
N THR D 17 -28.44 0.83 -1.28
CA THR D 17 -28.86 2.20 -1.02
C THR D 17 -28.85 2.51 0.47
N LEU D 18 -28.39 3.71 0.80
CA LEU D 18 -28.33 4.15 2.18
C LEU D 18 -29.51 5.09 2.48
N SER D 19 -30.07 4.96 3.66
CA SER D 19 -31.17 5.80 4.08
C SER D 19 -30.90 6.24 5.50
N LEU D 20 -30.66 7.54 5.68
CA LEU D 20 -30.36 8.11 6.98
C LEU D 20 -31.49 9.02 7.45
N THR D 21 -31.79 8.93 8.75
CA THR D 21 -32.84 9.74 9.34
C THR D 21 -32.21 10.59 10.41
N CYS D 22 -32.45 11.89 10.32
CA CYS D 22 -31.92 12.80 11.32
C CYS D 22 -33.13 13.27 12.06
N SER D 23 -33.22 12.96 13.35
CA SER D 23 -34.35 13.35 14.17
C SER D 23 -33.96 14.50 15.10
N PHE D 24 -34.55 15.67 14.87
CA PHE D 24 -34.23 16.84 15.68
C PHE D 24 -35.32 17.29 16.67
N SER D 25 -34.98 18.29 17.47
CA SER D 25 -35.90 18.84 18.46
C SER D 25 -35.30 20.13 19.03
N GLY D 26 -36.17 20.99 19.55
CA GLY D 26 -35.73 22.26 20.09
C GLY D 26 -35.99 23.36 19.08
N PHE D 27 -36.43 22.97 17.89
CA PHE D 27 -36.74 23.90 16.80
C PHE D 27 -37.61 23.24 15.73
N SER D 28 -38.26 24.06 14.90
CA SER D 28 -39.08 23.54 13.82
C SER D 28 -38.60 24.05 12.45
N LEU D 29 -38.60 23.16 11.47
CA LEU D 29 -38.16 23.49 10.13
C LEU D 29 -39.19 24.35 9.40
N SER D 30 -40.23 24.77 10.11
CA SER D 30 -41.26 25.60 9.51
C SER D 30 -40.91 27.09 9.72
N THR D 31 -40.01 27.36 10.66
CA THR D 31 -39.60 28.72 10.97
C THR D 31 -38.44 29.18 10.09
N SER D 32 -38.47 30.44 9.68
CA SER D 32 -37.44 31.01 8.84
C SER D 32 -36.04 30.95 9.41
N GLY D 33 -35.05 30.87 8.53
CA GLY D 33 -33.67 30.82 8.95
C GLY D 33 -33.20 29.46 9.45
N MET D 34 -34.14 28.51 9.49
CA MET D 34 -33.87 27.14 9.94
C MET D 34 -33.66 26.20 8.76
N GLY D 35 -32.88 25.17 9.02
CA GLY D 35 -32.57 24.16 8.03
C GLY D 35 -31.58 23.22 8.68
N VAL D 36 -31.34 22.05 8.09
CA VAL D 36 -30.36 21.11 8.64
C VAL D 36 -29.48 20.60 7.51
N GLY D 37 -28.23 20.31 7.83
CA GLY D 37 -27.31 19.83 6.82
C GLY D 37 -26.69 18.50 7.18
N TRP D 38 -26.22 17.77 6.16
CA TRP D 38 -25.60 16.49 6.40
C TRP D 38 -24.12 16.56 6.10
N ILE D 39 -23.32 15.98 6.99
CA ILE D 39 -21.88 15.96 6.79
C ILE D 39 -21.25 14.68 7.35
N ARG D 40 -20.24 14.17 6.64
CA ARG D 40 -19.57 12.95 7.06
C ARG D 40 -18.08 13.10 7.26
N GLN D 41 -17.57 12.31 8.20
CA GLN D 41 -16.15 12.30 8.50
C GLN D 41 -15.62 10.92 8.15
N PRO D 42 -14.97 10.77 6.97
CA PRO D 42 -14.41 9.49 6.52
C PRO D 42 -13.31 9.09 7.48
N SER D 43 -13.34 7.83 7.90
CA SER D 43 -12.39 7.26 8.85
C SER D 43 -10.99 7.89 8.78
N GLY D 44 -10.71 8.77 9.73
CA GLY D 44 -9.43 9.46 9.78
C GLY D 44 -9.12 10.17 8.48
N GLU D 45 -9.84 11.24 8.18
CA GLU D 45 -9.61 11.94 6.92
C GLU D 45 -10.05 13.41 6.92
N GLY D 46 -11.04 13.73 7.77
CA GLY D 46 -11.54 15.09 7.81
C GLY D 46 -12.94 15.20 7.23
N LEU D 47 -13.72 16.15 7.75
CA LEU D 47 -15.10 16.37 7.33
C LEU D 47 -15.34 16.61 5.85
N GLU D 48 -16.48 16.12 5.37
CA GLU D 48 -16.90 16.29 3.97
C GLU D 48 -18.40 16.61 3.98
N TRP D 49 -18.75 17.80 3.48
CA TRP D 49 -20.13 18.27 3.42
C TRP D 49 -20.94 17.52 2.36
N LEU D 50 -22.18 17.17 2.68
CA LEU D 50 -23.02 16.43 1.75
C LEU D 50 -24.22 17.17 1.17
N ALA D 51 -24.98 17.88 2.01
CA ALA D 51 -26.15 18.60 1.52
C ALA D 51 -26.85 19.52 2.52
N ASP D 52 -27.59 20.50 2.01
CA ASP D 52 -28.35 21.44 2.84
C ASP D 52 -29.81 21.47 2.42
N ILE D 53 -30.71 21.45 3.41
CA ILE D 53 -32.13 21.59 3.15
C ILE D 53 -32.61 22.65 4.12
N TRP D 54 -33.38 23.60 3.59
CA TRP D 54 -33.88 24.70 4.38
C TRP D 54 -35.38 24.65 4.57
N TRP D 55 -35.89 25.62 5.31
CA TRP D 55 -37.32 25.70 5.58
C TRP D 55 -38.11 26.04 4.30
N ASN D 56 -37.48 26.75 3.38
CA ASN D 56 -38.13 27.13 2.14
C ASN D 56 -37.87 26.09 1.03
N ASP D 57 -37.76 24.84 1.46
CA ASP D 57 -37.51 23.69 0.59
C ASP D 57 -36.31 23.78 -0.36
N LYS D 58 -35.42 24.74 -0.11
CA LYS D 58 -34.24 24.88 -0.95
C LYS D 58 -33.18 23.85 -0.53
N LYS D 59 -32.65 23.14 -1.54
CA LYS D 59 -31.66 22.09 -1.35
C LYS D 59 -30.38 22.37 -2.12
N TYR D 60 -29.26 22.15 -1.45
CA TYR D 60 -27.93 22.36 -2.01
C TYR D 60 -27.17 21.05 -1.83
N TYR D 61 -26.50 20.58 -2.88
CA TYR D 61 -25.74 19.32 -2.81
C TYR D 61 -24.24 19.42 -3.07
N ASN D 62 -23.56 18.31 -2.83
CA ASN D 62 -22.12 18.18 -3.04
C ASN D 62 -22.03 17.71 -4.49
N PRO D 63 -21.49 18.56 -5.39
CA PRO D 63 -21.35 18.23 -6.81
C PRO D 63 -20.73 16.87 -7.16
N SER D 64 -19.80 16.40 -6.34
CA SER D 64 -19.17 15.13 -6.61
C SER D 64 -20.11 13.94 -6.40
N LEU D 65 -21.19 14.14 -5.66
CA LEU D 65 -22.11 13.04 -5.38
C LEU D 65 -23.55 13.43 -5.63
N LYS D 66 -23.75 14.61 -6.22
CA LYS D 66 -25.07 15.15 -6.51
C LYS D 66 -25.99 14.19 -7.25
N SER D 67 -25.40 13.29 -8.01
CA SER D 67 -26.17 12.32 -8.78
C SER D 67 -26.71 11.17 -7.92
N ARG D 68 -26.02 10.86 -6.82
CA ARG D 68 -26.46 9.76 -5.95
C ARG D 68 -27.08 10.27 -4.66
N LEU D 69 -26.96 11.58 -4.45
CA LEU D 69 -27.49 12.24 -3.26
C LEU D 69 -28.93 12.72 -3.43
N THR D 70 -29.70 12.70 -2.36
CA THR D 70 -31.09 13.17 -2.37
C THR D 70 -31.58 13.47 -0.95
N VAL D 71 -31.61 14.75 -0.60
CA VAL D 71 -32.05 15.23 0.72
C VAL D 71 -33.52 15.59 0.73
N SER D 72 -34.23 15.12 1.76
CA SER D 72 -35.66 15.39 1.89
C SER D 72 -36.04 15.72 3.35
N LYS D 73 -37.28 16.12 3.59
CA LYS D 73 -37.70 16.44 4.95
C LYS D 73 -39.16 16.15 5.28
N ASP D 74 -39.49 16.35 6.55
CA ASP D 74 -40.83 16.15 7.08
C ASP D 74 -40.86 16.93 8.40
N THR D 75 -41.39 18.14 8.33
CA THR D 75 -41.47 19.05 9.46
C THR D 75 -42.32 18.56 10.62
N SER D 76 -43.55 18.13 10.32
CA SER D 76 -44.48 17.65 11.34
C SER D 76 -43.95 16.50 12.22
N SER D 77 -43.21 15.58 11.61
CA SER D 77 -42.64 14.46 12.34
C SER D 77 -41.31 14.89 12.94
N ASN D 78 -40.87 16.09 12.54
CA ASN D 78 -39.62 16.69 12.98
C ASN D 78 -38.39 15.87 12.70
N GLN D 79 -38.16 15.64 11.41
CA GLN D 79 -37.02 14.86 10.94
C GLN D 79 -36.69 15.12 9.48
N VAL D 80 -35.40 15.06 9.18
CA VAL D 80 -34.83 15.27 7.85
C VAL D 80 -34.21 13.95 7.40
N PHE D 81 -34.19 13.71 6.08
CA PHE D 81 -33.66 12.47 5.52
C PHE D 81 -32.58 12.71 4.44
N LEU D 82 -31.73 11.71 4.24
CA LEU D 82 -30.68 11.73 3.23
C LEU D 82 -30.56 10.32 2.70
N LYS D 83 -30.73 10.17 1.39
CA LYS D 83 -30.66 8.89 0.71
C LYS D 83 -29.48 8.93 -0.26
N ILE D 84 -28.57 7.98 -0.13
CA ILE D 84 -27.43 7.91 -1.02
C ILE D 84 -27.41 6.54 -1.68
N THR D 85 -27.69 6.55 -2.99
CA THR D 85 -27.77 5.34 -3.79
C THR D 85 -26.43 4.89 -4.35
N SER D 86 -26.35 3.61 -4.71
CA SER D 86 -25.13 2.99 -5.27
C SER D 86 -23.94 3.20 -4.32
N VAL D 87 -24.14 2.76 -3.08
CA VAL D 87 -23.16 2.89 -2.03
C VAL D 87 -21.88 2.14 -2.36
N ASP D 88 -20.78 2.87 -2.26
CA ASP D 88 -19.44 2.39 -2.56
C ASP D 88 -18.65 2.26 -1.26
N THR D 89 -17.49 1.63 -1.33
CA THR D 89 -16.61 1.45 -0.18
C THR D 89 -16.09 2.78 0.37
N SER D 90 -16.15 3.81 -0.46
CA SER D 90 -15.71 5.14 -0.07
C SER D 90 -16.78 5.91 0.71
N ASP D 91 -17.96 5.30 0.86
CA ASP D 91 -19.06 5.94 1.61
C ASP D 91 -18.98 5.52 3.07
N THR D 92 -17.88 4.85 3.42
CA THR D 92 -17.66 4.41 4.78
C THR D 92 -17.22 5.62 5.58
N ALA D 93 -18.05 6.02 6.53
CA ALA D 93 -17.72 7.16 7.37
C ALA D 93 -18.71 7.21 8.51
N THR D 94 -18.70 8.34 9.22
CA THR D 94 -19.64 8.56 10.31
C THR D 94 -20.45 9.81 9.90
N TYR D 95 -21.74 9.61 9.71
CA TYR D 95 -22.63 10.68 9.28
C TYR D 95 -23.30 11.46 10.41
N HIS D 96 -23.12 12.78 10.42
CA HIS D 96 -23.74 13.62 11.43
C HIS D 96 -24.65 14.61 10.72
N CYS D 97 -25.74 14.98 11.39
CA CYS D 97 -26.61 16.01 10.84
C CYS D 97 -26.46 17.17 11.80
N ALA D 98 -26.40 18.37 11.26
CA ALA D 98 -26.23 19.57 12.07
C ALA D 98 -27.25 20.65 11.69
N ARG D 99 -27.79 21.31 12.70
CA ARG D 99 -28.76 22.36 12.48
C ARG D 99 -28.10 23.56 11.80
N ARG D 100 -28.74 24.05 10.74
CA ARG D 100 -28.25 25.20 10.00
C ARG D 100 -29.01 26.41 10.53
N THR D 101 -28.43 27.60 10.36
CA THR D 101 -29.04 28.83 10.85
C THR D 101 -28.63 30.02 9.97
N PHE D 102 -29.63 30.79 9.52
CA PHE D 102 -29.40 31.97 8.68
C PHE D 102 -29.88 33.28 9.33
N SER D 103 -29.00 34.27 9.38
CA SER D 103 -29.36 35.57 9.93
C SER D 103 -28.78 36.67 9.02
N TYR D 104 -29.57 37.74 8.85
CA TYR D 104 -29.21 38.88 8.02
C TYR D 104 -29.26 40.13 8.88
N TYR D 105 -28.15 40.86 8.94
CA TYR D 105 -28.06 42.07 9.76
C TYR D 105 -27.21 43.14 9.09
N TYR D 106 -27.79 44.33 8.92
CA TYR D 106 -27.13 45.49 8.32
C TYR D 106 -26.53 45.21 6.95
N GLY D 107 -27.27 44.46 6.13
CA GLY D 107 -26.79 44.14 4.79
C GLY D 107 -25.99 42.86 4.66
N SER D 108 -25.47 42.36 5.79
CA SER D 108 -24.67 41.14 5.80
C SER D 108 -25.47 39.86 6.18
N SER D 109 -25.08 38.74 5.58
CA SER D 109 -25.70 37.44 5.84
C SER D 109 -24.69 36.57 6.59
N PHE D 110 -25.16 35.69 7.46
CA PHE D 110 -24.27 34.81 8.22
C PHE D 110 -24.93 33.45 8.32
N TYR D 111 -24.18 32.40 7.99
CA TYR D 111 -24.70 31.03 8.04
C TYR D 111 -23.91 30.26 9.09
N TYR D 112 -24.60 29.42 9.84
CA TYR D 112 -23.94 28.67 10.89
C TYR D 112 -24.22 27.20 10.81
N PHE D 113 -23.34 26.43 11.43
CA PHE D 113 -23.45 24.99 11.57
C PHE D 113 -23.50 24.91 13.08
N ASP D 114 -24.68 25.23 13.60
CA ASP D 114 -25.01 25.31 15.03
C ASP D 114 -24.78 24.08 15.90
N ASN D 115 -25.77 23.21 15.91
CA ASN D 115 -25.69 22.00 16.72
C ASN D 115 -25.55 20.76 15.89
N TRP D 116 -24.61 19.92 16.30
CA TRP D 116 -24.35 18.68 15.62
C TRP D 116 -24.77 17.44 16.42
N GLY D 117 -25.20 16.40 15.72
CA GLY D 117 -25.54 15.15 16.38
C GLY D 117 -24.24 14.39 16.62
N GLN D 118 -24.29 13.29 17.37
CA GLN D 118 -23.06 12.52 17.63
C GLN D 118 -22.64 11.57 16.49
N GLY D 119 -23.51 11.46 15.49
CA GLY D 119 -23.22 10.65 14.32
C GLY D 119 -23.55 9.18 14.35
N THR D 120 -23.67 8.63 13.15
CA THR D 120 -23.93 7.21 12.96
C THR D 120 -22.78 6.74 12.10
N THR D 121 -22.19 5.63 12.50
CA THR D 121 -21.10 5.08 11.73
C THR D 121 -21.69 4.17 10.65
N LEU D 122 -20.92 4.01 9.57
CA LEU D 122 -21.33 3.17 8.44
C LEU D 122 -20.12 2.48 7.83
N THR D 123 -20.27 1.18 7.59
CA THR D 123 -19.22 0.39 6.97
C THR D 123 -19.78 -0.29 5.73
N VAL D 124 -19.18 0.04 4.59
CA VAL D 124 -19.60 -0.54 3.32
C VAL D 124 -18.60 -1.65 3.03
N SER D 125 -19.06 -2.89 3.14
CA SER D 125 -18.18 -4.03 2.93
C SER D 125 -18.88 -5.26 2.35
N SER D 126 -18.27 -5.83 1.31
CA SER D 126 -18.78 -7.02 0.64
C SER D 126 -18.30 -8.31 1.31
N ALA D 127 -18.05 -8.24 2.62
CA ALA D 127 -17.59 -9.38 3.40
C ALA D 127 -18.56 -9.79 4.50
N LYS D 128 -18.56 -11.09 4.84
CA LYS D 128 -19.42 -11.64 5.88
C LYS D 128 -18.80 -11.39 7.27
N THR D 129 -19.59 -11.62 8.31
CA THR D 129 -19.13 -11.40 9.68
C THR D 129 -18.00 -12.35 10.08
N THR D 130 -16.81 -12.07 9.58
CA THR D 130 -15.61 -12.86 9.88
C THR D 130 -15.16 -12.64 11.32
N PRO D 131 -14.90 -13.74 12.05
CA PRO D 131 -14.44 -13.63 13.44
C PRO D 131 -12.95 -13.30 13.44
N PRO D 132 -12.43 -12.75 14.55
CA PRO D 132 -11.02 -12.40 14.66
C PRO D 132 -10.04 -13.56 14.82
N SER D 133 -8.77 -13.27 14.54
CA SER D 133 -7.70 -14.25 14.70
C SER D 133 -6.72 -13.55 15.63
N VAL D 134 -6.61 -14.09 16.83
CA VAL D 134 -5.76 -13.50 17.85
C VAL D 134 -4.38 -14.13 17.88
N TYR D 135 -3.35 -13.29 17.99
CA TYR D 135 -1.97 -13.76 18.07
C TYR D 135 -1.34 -13.17 19.33
N PRO D 136 -0.15 -13.68 19.73
CA PRO D 136 0.51 -13.17 20.93
C PRO D 136 1.70 -12.27 20.59
N LEU D 137 1.95 -11.29 21.44
CA LEU D 137 3.08 -10.39 21.23
C LEU D 137 4.00 -10.46 22.44
N ALA D 138 5.12 -11.13 22.27
CA ALA D 138 6.11 -11.31 23.32
C ALA D 138 7.46 -10.74 22.91
N PRO D 139 8.25 -10.30 23.89
CA PRO D 139 9.58 -9.74 23.61
C PRO D 139 10.45 -10.74 22.84
N GLY D 140 10.99 -10.29 21.70
CA GLY D 140 11.80 -11.16 20.88
C GLY D 140 13.20 -11.45 21.40
N CYS D 141 14.07 -11.87 20.48
CA CYS D 141 15.46 -12.21 20.75
C CYS D 141 16.17 -11.08 21.50
N GLY D 142 16.31 -11.26 22.82
CA GLY D 142 16.97 -10.26 23.65
C GLY D 142 16.18 -8.96 23.77
N ASP D 143 15.05 -9.03 24.46
CA ASP D 143 14.18 -7.87 24.66
C ASP D 143 13.68 -7.78 26.10
N THR D 144 13.44 -8.95 26.72
CA THR D 144 12.91 -9.03 28.08
C THR D 144 13.89 -8.54 29.15
N THR D 145 15.05 -8.06 28.71
CA THR D 145 16.08 -7.54 29.62
C THR D 145 15.72 -6.16 30.15
N GLY D 146 15.09 -6.13 31.32
CA GLY D 146 14.69 -4.87 31.93
C GLY D 146 13.80 -5.10 33.13
N SER D 147 13.48 -4.03 33.84
CA SER D 147 12.64 -4.10 35.04
C SER D 147 11.18 -4.49 34.78
N SER D 148 10.71 -4.22 33.58
CA SER D 148 9.32 -4.55 33.22
C SER D 148 9.23 -5.15 31.82
N VAL D 149 8.12 -5.83 31.57
CA VAL D 149 7.89 -6.45 30.28
C VAL D 149 6.54 -6.04 29.73
N THR D 150 6.53 -5.77 28.43
CA THR D 150 5.32 -5.36 27.77
C THR D 150 4.86 -6.47 26.84
N LEU D 151 3.68 -6.98 27.14
CA LEU D 151 3.07 -8.04 26.35
C LEU D 151 1.92 -7.41 25.55
N GLY D 152 1.36 -8.17 24.62
CA GLY D 152 0.30 -7.63 23.82
C GLY D 152 -0.45 -8.71 23.10
N CYS D 153 -1.50 -8.30 22.39
CA CYS D 153 -2.34 -9.24 21.67
C CYS D 153 -2.79 -8.63 20.32
N LEU D 154 -2.53 -9.33 19.22
CA LEU D 154 -2.88 -8.89 17.86
C LEU D 154 -4.20 -9.44 17.36
N VAL D 155 -5.28 -8.70 17.57
CA VAL D 155 -6.61 -9.12 17.13
C VAL D 155 -6.86 -8.65 15.70
N LYS D 156 -6.90 -9.57 14.75
CA LYS D 156 -7.12 -9.14 13.37
C LYS D 156 -8.08 -10.00 12.54
N GLY D 157 -8.37 -9.51 11.34
CA GLY D 157 -9.25 -10.21 10.42
C GLY D 157 -10.68 -10.39 10.89
N TYR D 158 -11.24 -9.36 11.50
CA TYR D 158 -12.62 -9.45 11.97
C TYR D 158 -13.55 -8.47 11.29
N PHE D 159 -14.85 -8.74 11.40
CA PHE D 159 -15.87 -7.89 10.82
C PHE D 159 -17.20 -8.32 11.41
N PRO D 160 -18.01 -7.36 11.87
CA PRO D 160 -17.74 -5.92 11.84
C PRO D 160 -16.98 -5.41 13.07
N GLU D 161 -17.05 -4.10 13.30
CA GLU D 161 -16.39 -3.48 14.45
C GLU D 161 -16.98 -4.01 15.75
N SER D 162 -16.29 -3.72 16.84
CA SER D 162 -16.65 -4.13 18.20
C SER D 162 -16.14 -5.52 18.54
N VAL D 163 -14.99 -5.50 19.19
CA VAL D 163 -14.29 -6.68 19.68
C VAL D 163 -13.78 -6.15 21.02
N THR D 164 -13.71 -6.98 22.05
CA THR D 164 -13.25 -6.45 23.33
C THR D 164 -12.13 -7.28 23.96
N VAL D 165 -11.02 -6.61 24.22
CA VAL D 165 -9.84 -7.23 24.80
C VAL D 165 -9.75 -6.95 26.29
N THR D 166 -9.78 -8.00 27.10
CA THR D 166 -9.67 -7.85 28.55
C THR D 166 -8.51 -8.68 29.06
N TRP D 167 -7.62 -8.06 29.83
CA TRP D 167 -6.47 -8.76 30.39
C TRP D 167 -6.72 -9.15 31.84
N ASN D 168 -7.62 -10.12 32.04
CA ASN D 168 -7.93 -10.61 33.39
C ASN D 168 -6.87 -11.61 33.83
N SER D 169 -5.62 -11.32 33.49
CA SER D 169 -4.48 -12.17 33.81
C SER D 169 -4.39 -12.49 35.29
N GLY D 170 -3.64 -13.56 35.62
CA GLY D 170 -3.45 -13.95 37.01
C GLY D 170 -2.98 -12.71 37.73
N SER D 171 -1.80 -12.24 37.37
CA SER D 171 -1.28 -11.00 37.91
C SER D 171 -1.99 -10.05 36.95
N LEU D 172 -3.23 -9.73 37.33
CA LEU D 172 -4.12 -8.88 36.53
C LEU D 172 -3.48 -7.64 35.94
N SER D 173 -3.94 -7.30 34.74
CA SER D 173 -3.46 -6.14 33.99
C SER D 173 -3.42 -4.84 34.77
N SER D 174 -2.40 -4.04 34.51
CA SER D 174 -2.23 -2.74 35.17
C SER D 174 -2.18 -1.64 34.10
N SER D 175 -1.19 -1.72 33.23
CA SER D 175 -1.02 -0.73 32.16
C SER D 175 -1.53 -1.29 30.81
N VAL D 176 -2.84 -1.18 30.58
CA VAL D 176 -3.46 -1.66 29.34
C VAL D 176 -3.69 -0.55 28.32
N HIS D 177 -3.17 -0.75 27.12
CA HIS D 177 -3.33 0.21 26.03
C HIS D 177 -3.96 -0.45 24.83
N THR D 178 -5.26 -0.29 24.67
CA THR D 178 -5.96 -0.87 23.54
C THR D 178 -5.97 0.22 22.46
N PHE D 179 -5.44 -0.12 21.30
CA PHE D 179 -5.36 0.83 20.20
C PHE D 179 -6.55 0.71 19.26
N PRO D 180 -6.78 1.75 18.43
CA PRO D 180 -7.87 1.87 17.45
C PRO D 180 -7.84 0.92 16.25
N ALA D 181 -9.01 0.40 15.90
CA ALA D 181 -9.18 -0.51 14.77
C ALA D 181 -9.00 0.16 13.41
N LEU D 182 -8.28 -0.51 12.52
CA LEU D 182 -8.01 -0.02 11.16
C LEU D 182 -8.71 -0.94 10.17
N LEU D 183 -9.42 -0.37 9.20
CA LEU D 183 -10.09 -1.19 8.19
C LEU D 183 -9.11 -1.50 7.08
N GLN D 184 -8.98 -2.78 6.77
CA GLN D 184 -8.08 -3.28 5.73
C GLN D 184 -8.72 -4.46 5.03
N SER D 185 -8.69 -4.46 3.69
CA SER D 185 -9.25 -5.51 2.86
C SER D 185 -10.67 -5.91 3.29
N GLY D 186 -11.41 -4.94 3.79
CA GLY D 186 -12.78 -5.17 4.25
C GLY D 186 -12.86 -5.72 5.66
N LEU D 187 -11.71 -6.02 6.26
CA LEU D 187 -11.66 -6.56 7.62
C LEU D 187 -10.87 -5.63 8.52
N TYR D 188 -11.24 -5.59 9.80
CA TYR D 188 -10.57 -4.72 10.77
C TYR D 188 -9.34 -5.36 11.37
N THR D 189 -8.57 -4.56 12.10
CA THR D 189 -7.35 -5.01 12.77
C THR D 189 -7.09 -4.04 13.90
N MET D 190 -6.75 -4.58 15.07
CA MET D 190 -6.46 -3.76 16.24
C MET D 190 -5.48 -4.50 17.14
N SER D 191 -5.13 -3.89 18.27
CA SER D 191 -4.22 -4.52 19.20
C SER D 191 -4.23 -3.84 20.55
N SER D 192 -4.02 -4.63 21.59
CA SER D 192 -3.99 -4.16 22.97
C SER D 192 -2.65 -4.51 23.57
N SER D 193 -2.25 -3.80 24.62
CA SER D 193 -0.97 -4.07 25.28
C SER D 193 -1.03 -3.78 26.77
N VAL D 194 -0.39 -4.64 27.56
CA VAL D 194 -0.36 -4.49 29.01
C VAL D 194 1.09 -4.63 29.50
N THR D 195 1.49 -3.78 30.45
CA THR D 195 2.84 -3.81 30.96
C THR D 195 2.97 -4.32 32.39
N VAL D 196 3.62 -5.48 32.57
CA VAL D 196 3.83 -6.05 33.90
C VAL D 196 5.33 -6.02 34.22
N PRO D 197 5.71 -6.04 35.51
CA PRO D 197 7.14 -6.02 35.81
C PRO D 197 7.77 -7.36 35.47
N SER D 198 9.02 -7.33 35.01
CA SER D 198 9.76 -8.52 34.60
C SER D 198 9.66 -9.77 35.47
N SER D 199 9.94 -9.63 36.76
CA SER D 199 9.90 -10.73 37.72
C SER D 199 8.55 -11.46 37.83
N THR D 200 7.56 -10.99 37.07
CA THR D 200 6.21 -11.54 37.10
C THR D 200 5.86 -12.51 35.96
N TRP D 201 6.44 -12.30 34.79
CA TRP D 201 6.15 -13.14 33.64
C TRP D 201 7.37 -13.91 33.16
N PRO D 202 7.20 -15.17 32.73
CA PRO D 202 5.92 -15.89 32.67
C PRO D 202 5.67 -16.79 33.88
N SER D 203 6.21 -16.40 35.03
CA SER D 203 6.04 -17.13 36.28
C SER D 203 4.58 -17.03 36.70
N GLN D 204 3.90 -16.02 36.14
CA GLN D 204 2.49 -15.75 36.37
C GLN D 204 1.76 -15.87 35.03
N THR D 205 0.45 -16.08 35.08
CA THR D 205 -0.34 -16.20 33.87
C THR D 205 -0.91 -14.88 33.38
N VAL D 206 -0.70 -14.61 32.09
CA VAL D 206 -1.18 -13.42 31.42
C VAL D 206 -1.96 -13.92 30.21
N THR D 207 -3.22 -13.51 30.11
CA THR D 207 -4.09 -13.95 29.02
C THR D 207 -4.90 -12.77 28.49
N CYS D 208 -5.16 -12.79 27.19
CA CYS D 208 -5.97 -11.74 26.58
C CYS D 208 -7.21 -12.41 26.07
N SER D 209 -8.34 -12.01 26.66
CA SER D 209 -9.61 -12.56 26.26
C SER D 209 -10.26 -11.55 25.33
N VAL D 210 -10.42 -11.92 24.06
CA VAL D 210 -11.06 -11.05 23.10
C VAL D 210 -12.43 -11.66 22.79
N ALA D 211 -13.46 -10.82 22.84
CA ALA D 211 -14.82 -11.26 22.56
C ALA D 211 -15.40 -10.49 21.38
N HIS D 212 -15.95 -11.22 20.40
CA HIS D 212 -16.55 -10.65 19.19
C HIS D 212 -17.97 -11.22 19.10
N PRO D 213 -18.97 -10.42 19.54
CA PRO D 213 -20.41 -10.75 19.56
C PRO D 213 -21.09 -11.05 18.22
N ALA D 214 -20.74 -10.28 17.20
CA ALA D 214 -21.30 -10.44 15.85
C ALA D 214 -21.16 -11.87 15.38
N SER D 215 -20.05 -12.50 15.77
CA SER D 215 -19.76 -13.89 15.43
C SER D 215 -20.13 -14.79 16.61
N SER D 216 -20.23 -14.17 17.79
CA SER D 216 -20.56 -14.86 19.04
C SER D 216 -19.41 -15.79 19.45
N THR D 217 -18.22 -15.21 19.53
CA THR D 217 -17.01 -15.95 19.89
C THR D 217 -16.20 -15.25 20.97
N THR D 218 -15.65 -16.02 21.88
CA THR D 218 -14.80 -15.51 22.95
C THR D 218 -13.49 -16.26 22.79
N VAL D 219 -12.38 -15.54 22.77
CA VAL D 219 -11.08 -16.16 22.58
C VAL D 219 -10.03 -15.84 23.64
N ASP D 220 -9.71 -16.83 24.45
CA ASP D 220 -8.68 -16.68 25.48
C ASP D 220 -7.36 -16.98 24.78
N LYS D 221 -6.30 -16.26 25.14
CA LYS D 221 -4.99 -16.42 24.51
C LYS D 221 -3.85 -16.29 25.55
N LYS D 222 -3.25 -17.41 25.91
CA LYS D 222 -2.16 -17.45 26.90
C LYS D 222 -0.81 -17.07 26.31
N LEU D 223 -0.22 -16.00 26.86
CA LEU D 223 1.08 -15.50 26.44
C LEU D 223 2.26 -16.22 27.04
N GLU D 224 3.02 -16.89 26.18
CA GLU D 224 4.21 -17.62 26.60
C GLU D 224 5.37 -17.05 25.79
N PRO D 225 6.60 -17.12 26.32
CA PRO D 225 7.75 -16.59 25.57
C PRO D 225 8.04 -17.36 24.29
N SER D 226 8.74 -16.70 23.38
CA SER D 226 9.09 -17.31 22.11
C SER D 226 10.42 -18.06 22.23
N GLY D 227 10.39 -19.33 21.88
CA GLY D 227 11.58 -20.14 21.94
C GLY D 227 12.40 -19.98 20.68
N PRO D 228 13.41 -20.84 20.48
CA PRO D 228 14.28 -20.81 19.30
C PRO D 228 13.54 -21.23 18.03
C1 GAS E . 24.49 -36.48 -0.91
C2 GAS E . 23.33 -36.67 -1.63
C3 GAS E . 23.35 -36.62 -3.01
C4 GAS E . 24.54 -36.38 -3.68
C5 GAS E . 25.71 -36.20 -2.95
C6 GAS E . 25.68 -36.25 -1.56
C7 GAS E . 26.88 -36.17 -0.82
N7 GAS E . 27.30 -34.93 -0.19
C1A GAS E . 27.83 -37.12 -1.07
C2A GAS E . 29.17 -36.75 -1.04
C3A GAS E . 30.14 -37.69 -1.24
C4A GAS E . 29.78 -39.01 -1.50
C5A GAS E . 28.46 -39.39 -1.53
C6A GAS E . 27.48 -38.44 -1.31
C8 GAS E . 26.61 -34.41 0.82
N8 GAS E . 26.81 -34.88 2.07
C9 GAS E . 25.88 -34.68 3.19
C10 GAS E . 24.38 -34.86 3.01
O1 GAS E . 23.64 -34.40 3.90
O2 GAS E . 23.94 -35.67 2.16
N11 GAS E . 25.41 -33.93 0.54
C1B GAS E . 24.78 -32.88 -0.40
C2B GAS E . 23.71 -33.25 -1.20
C3B GAS E . 23.16 -32.36 -2.09
C4B GAS E . 23.69 -31.10 -2.22
C7B GAS E . 23.12 -30.19 -3.28
N7B GAS E . 22.66 -29.52 -4.11
C5B GAS E . 24.75 -30.69 -1.42
C6B GAS E . 25.30 -31.59 -0.51
C1 GAS F . -30.83 31.04 0.44
C2 GAS F . -31.47 29.98 1.06
C3 GAS F . -31.64 29.98 2.44
C4 GAS F . -31.17 31.02 3.20
C5 GAS F . -30.52 32.08 2.58
C6 GAS F . -30.34 32.09 1.20
C7 GAS F . -29.58 33.09 0.60
N7 GAS F . -28.14 32.89 0.58
C1A GAS F . -30.06 34.39 0.77
C2A GAS F . -29.20 35.40 1.20
C3A GAS F . -29.69 36.66 1.50
C4A GAS F . -31.04 36.93 1.37
C5A GAS F . -31.90 35.95 0.93
C6A GAS F . -31.41 34.68 0.62
C8 GAS F . -27.51 32.21 -0.38
N8 GAS F . -27.46 32.77 -1.60
C9 GAS F . -28.47 32.61 -2.63
C10 GAS F . -28.63 31.27 -3.31
O1 GAS F . -27.86 31.00 -4.26
O2 GAS F . -29.68 30.62 -3.11
N11 GAS F . -26.82 31.03 -0.11
C1B GAS F . -26.40 30.20 1.06
C2B GAS F . -27.23 29.17 1.51
C3B GAS F . -26.76 28.32 2.50
C4B GAS F . -25.50 28.50 3.03
C7B GAS F . -25.00 27.57 4.11
N7B GAS F . -24.60 26.88 4.94
C5B GAS F . -24.69 29.53 2.59
C6B GAS F . -25.13 30.38 1.60
#